data_9KJ9
# 
_entry.id   9KJ9 
# 
_audit_conform.dict_name       mmcif_pdbx.dic 
_audit_conform.dict_version    5.404 
_audit_conform.dict_location   http://mmcif.pdb.org/dictionaries/ascii/mmcif_pdbx.dic 
# 
loop_
_database_2.database_id 
_database_2.database_code 
_database_2.pdbx_database_accession 
_database_2.pdbx_DOI 
PDB   9KJ9         pdb_00009kj9 10.2210/pdb9kj9/pdb 
WWPDB D_1300053669 ?            ?                   
# 
_pdbx_audit_revision_history.ordinal             1 
_pdbx_audit_revision_history.data_content_type   'Structure model' 
_pdbx_audit_revision_history.major_revision      1 
_pdbx_audit_revision_history.minor_revision      0 
_pdbx_audit_revision_history.revision_date       2025-07-02 
_pdbx_audit_revision_history.part_number         ? 
# 
_pdbx_audit_revision_details.ordinal             1 
_pdbx_audit_revision_details.revision_ordinal    1 
_pdbx_audit_revision_details.data_content_type   'Structure model' 
_pdbx_audit_revision_details.provider            repository 
_pdbx_audit_revision_details.type                'Initial release' 
_pdbx_audit_revision_details.description         ? 
_pdbx_audit_revision_details.details             ? 
# 
_pdbx_database_status.status_code                     REL 
_pdbx_database_status.status_code_sf                  REL 
_pdbx_database_status.status_code_mr                  ? 
_pdbx_database_status.entry_id                        9KJ9 
_pdbx_database_status.recvd_initial_deposition_date   2024-11-12 
_pdbx_database_status.SG_entry                        N 
_pdbx_database_status.deposit_site                    PDBJ 
_pdbx_database_status.process_site                    PDBJ 
_pdbx_database_status.status_code_cs                  ? 
_pdbx_database_status.status_code_nmr_data            ? 
_pdbx_database_status.methods_development_category    ? 
_pdbx_database_status.pdb_format_compatible           Y 
# 
_pdbx_contact_author.id                 2 
_pdbx_contact_author.email              xrayleox@cau.ac.kr 
_pdbx_contact_author.name_first         'Hyun Ho' 
_pdbx_contact_author.name_last          Park 
_pdbx_contact_author.name_mi            ? 
_pdbx_contact_author.role               'principal investigator/group leader' 
_pdbx_contact_author.identifier_ORCID   0000-0001-9928-0847 
# 
loop_
_audit_author.name 
_audit_author.pdbx_ordinal 
_audit_author.identifier_ORCID 
'Han, J.H.'  1 ? 
'Park, H.H.' 2 ? 
# 
_citation.abstract                  ? 
_citation.abstract_id_CAS           ? 
_citation.book_id_ISBN              ? 
_citation.book_publisher            ? 
_citation.book_publisher_city       ? 
_citation.book_title                ? 
_citation.coordinate_linkage        ? 
_citation.country                   US 
_citation.database_id_Medline       ? 
_citation.details                   ? 
_citation.id                        primary 
_citation.journal_abbrev            'Faseb J.' 
_citation.journal_id_ASTM           FAJOEC 
_citation.journal_id_CSD            2074 
_citation.journal_id_ISSN           1530-6860 
_citation.journal_full              ? 
_citation.journal_issue             ? 
_citation.journal_volume            39 
_citation.language                  ? 
_citation.page_first                e70753 
_citation.page_last                 e70753 
_citation.title                     'AcrVIA6 Is a Monomeric DNA-Binding Protein That Does Not Directly Inhibit Cas13a.' 
_citation.year                      2025 
_citation.database_id_CSD           ? 
_citation.pdbx_database_id_DOI      10.1096/fj.202500684R 
_citation.pdbx_database_id_PubMed   40540289 
_citation.pdbx_database_id_patent   ? 
_citation.unpublished_flag          ? 
# 
loop_
_citation_author.citation_id 
_citation_author.name 
_citation_author.ordinal 
_citation_author.identifier_ORCID 
primary 'Han, J.H.'  1 ?                   
primary 'Lee, S.Y.'  2 ?                   
primary 'Park, H.H.' 3 0000-0001-9928-0847 
# 
loop_
_entity.id 
_entity.type 
_entity.src_method 
_entity.pdbx_description 
_entity.formula_weight 
_entity.pdbx_number_of_molecules 
_entity.pdbx_ec 
_entity.pdbx_mutation 
_entity.pdbx_fragment 
_entity.details 
1 polymer man 'Anti-CRISPR protein' 10599.119 1  ? ? ? ? 
2 water   nat water                 18.015    11 ? ? ? ? 
# 
_entity_poly.entity_id                      1 
_entity_poly.type                           'polypeptide(L)' 
_entity_poly.nstd_linkage                   no 
_entity_poly.nstd_monomer                   no 
_entity_poly.pdbx_seq_one_letter_code       
;MADKVKSIQPGPIFYDVFLVYLRVIGTNLKDWCAPHGVTATNAKSAATGGWNGTKARALRQKMIDEVGEETFLRLYTERL
RREAALEHHHHHH
;
_entity_poly.pdbx_seq_one_letter_code_can   
;MADKVKSIQPGPIFYDVFLVYLRVIGTNLKDWCAPHGVTATNAKSAATGGWNGTKARALRQKMIDEVGEETFLRLYTERL
RREAALEHHHHHH
;
_entity_poly.pdbx_strand_id                 A 
_entity_poly.pdbx_target_identifier         ? 
# 
_pdbx_entity_nonpoly.entity_id   2 
_pdbx_entity_nonpoly.name        water 
_pdbx_entity_nonpoly.comp_id     HOH 
# 
loop_
_entity_poly_seq.entity_id 
_entity_poly_seq.num 
_entity_poly_seq.mon_id 
_entity_poly_seq.hetero 
1 1  MET n 
1 2  ALA n 
1 3  ASP n 
1 4  LYS n 
1 5  VAL n 
1 6  LYS n 
1 7  SER n 
1 8  ILE n 
1 9  GLN n 
1 10 PRO n 
1 11 GLY n 
1 12 PRO n 
1 13 ILE n 
1 14 PHE n 
1 15 TYR n 
1 16 ASP n 
1 17 VAL n 
1 18 PHE n 
1 19 LEU n 
1 20 VAL n 
1 21 TYR n 
1 22 LEU n 
1 23 ARG n 
1 24 VAL n 
1 25 ILE n 
1 26 GLY n 
1 27 THR n 
1 28 ASN n 
1 29 LEU n 
1 30 LYS n 
1 31 ASP n 
1 32 TRP n 
1 33 CYS n 
1 34 ALA n 
1 35 PRO n 
1 36 HIS n 
1 37 GLY n 
1 38 VAL n 
1 39 THR n 
1 40 ALA n 
1 41 THR n 
1 42 ASN n 
1 43 ALA n 
1 44 LYS n 
1 45 SER n 
1 46 ALA n 
1 47 ALA n 
1 48 THR n 
1 49 GLY n 
1 50 GLY n 
1 51 TRP n 
1 52 ASN n 
1 53 GLY n 
1 54 THR n 
1 55 LYS n 
1 56 ALA n 
1 57 ARG n 
1 58 ALA n 
1 59 LEU n 
1 60 ARG n 
1 61 GLN n 
1 62 LYS n 
1 63 MET n 
1 64 ILE n 
1 65 ASP n 
1 66 GLU n 
1 67 VAL n 
1 68 GLY n 
1 69 GLU n 
1 70 GLU n 
1 71 THR n 
1 72 PHE n 
1 73 LEU n 
1 74 ARG n 
1 75 LEU n 
1 76 TYR n 
1 77 THR n 
1 78 GLU n 
1 79 ARG n 
1 80 LEU n 
1 81 ARG n 
1 82 ARG n 
1 83 GLU n 
1 84 ALA n 
1 85 ALA n 
1 86 LEU n 
1 87 GLU n 
1 88 HIS n 
1 89 HIS n 
1 90 HIS n 
1 91 HIS n 
1 92 HIS n 
1 93 HIS n 
# 
_entity_src_gen.entity_id                          1 
_entity_src_gen.pdbx_src_id                        1 
_entity_src_gen.pdbx_alt_source_flag               sample 
_entity_src_gen.pdbx_seq_type                      'Biological sequence' 
_entity_src_gen.pdbx_beg_seq_num                   1 
_entity_src_gen.pdbx_end_seq_num                   93 
_entity_src_gen.gene_src_common_name               ? 
_entity_src_gen.gene_src_genus                     ? 
_entity_src_gen.pdbx_gene_src_gene                 RCAP_rcc02927 
_entity_src_gen.gene_src_species                   ? 
_entity_src_gen.gene_src_strain                    ? 
_entity_src_gen.gene_src_tissue                    ? 
_entity_src_gen.gene_src_tissue_fraction           ? 
_entity_src_gen.gene_src_details                   ? 
_entity_src_gen.pdbx_gene_src_fragment             ? 
_entity_src_gen.pdbx_gene_src_scientific_name      'Rhodobacter capsulatus' 
_entity_src_gen.pdbx_gene_src_ncbi_taxonomy_id     1061 
_entity_src_gen.pdbx_gene_src_variant              ? 
_entity_src_gen.pdbx_gene_src_cell_line            ? 
_entity_src_gen.pdbx_gene_src_atcc                 ? 
_entity_src_gen.pdbx_gene_src_organ                ? 
_entity_src_gen.pdbx_gene_src_organelle            ? 
_entity_src_gen.pdbx_gene_src_cell                 ? 
_entity_src_gen.pdbx_gene_src_cellular_location    ? 
_entity_src_gen.host_org_common_name               ? 
_entity_src_gen.pdbx_host_org_scientific_name      'Escherichia coli BL21(DE3)' 
_entity_src_gen.pdbx_host_org_ncbi_taxonomy_id     469008 
_entity_src_gen.host_org_genus                     ? 
_entity_src_gen.pdbx_host_org_gene                 ? 
_entity_src_gen.pdbx_host_org_organ                ? 
_entity_src_gen.host_org_species                   ? 
_entity_src_gen.pdbx_host_org_tissue               ? 
_entity_src_gen.pdbx_host_org_tissue_fraction      ? 
_entity_src_gen.pdbx_host_org_strain               ? 
_entity_src_gen.pdbx_host_org_variant              ? 
_entity_src_gen.pdbx_host_org_cell_line            ? 
_entity_src_gen.pdbx_host_org_atcc                 ? 
_entity_src_gen.pdbx_host_org_culture_collection   ? 
_entity_src_gen.pdbx_host_org_cell                 ? 
_entity_src_gen.pdbx_host_org_organelle            ? 
_entity_src_gen.pdbx_host_org_cellular_location    ? 
_entity_src_gen.pdbx_host_org_vector_type          ? 
_entity_src_gen.pdbx_host_org_vector               ? 
_entity_src_gen.host_org_details                   ? 
_entity_src_gen.expression_system_id               ? 
_entity_src_gen.plasmid_name                       ? 
_entity_src_gen.plasmid_details                    ? 
_entity_src_gen.pdbx_description                   ? 
# 
loop_
_chem_comp.id 
_chem_comp.type 
_chem_comp.mon_nstd_flag 
_chem_comp.name 
_chem_comp.pdbx_synonyms 
_chem_comp.formula 
_chem_comp.formula_weight 
ALA 'L-peptide linking' y ALANINE         ? 'C3 H7 N O2'     89.093  
ARG 'L-peptide linking' y ARGININE        ? 'C6 H15 N4 O2 1' 175.209 
ASN 'L-peptide linking' y ASPARAGINE      ? 'C4 H8 N2 O3'    132.118 
ASP 'L-peptide linking' y 'ASPARTIC ACID' ? 'C4 H7 N O4'     133.103 
CYS 'L-peptide linking' y CYSTEINE        ? 'C3 H7 N O2 S'   121.158 
GLN 'L-peptide linking' y GLUTAMINE       ? 'C5 H10 N2 O3'   146.144 
GLU 'L-peptide linking' y 'GLUTAMIC ACID' ? 'C5 H9 N O4'     147.129 
GLY 'peptide linking'   y GLYCINE         ? 'C2 H5 N O2'     75.067  
HIS 'L-peptide linking' y HISTIDINE       ? 'C6 H10 N3 O2 1' 156.162 
HOH non-polymer         . WATER           ? 'H2 O'           18.015  
ILE 'L-peptide linking' y ISOLEUCINE      ? 'C6 H13 N O2'    131.173 
LEU 'L-peptide linking' y LEUCINE         ? 'C6 H13 N O2'    131.173 
LYS 'L-peptide linking' y LYSINE          ? 'C6 H15 N2 O2 1' 147.195 
MET 'L-peptide linking' y METHIONINE      ? 'C5 H11 N O2 S'  149.211 
PHE 'L-peptide linking' y PHENYLALANINE   ? 'C9 H11 N O2'    165.189 
PRO 'L-peptide linking' y PROLINE         ? 'C5 H9 N O2'     115.130 
SER 'L-peptide linking' y SERINE          ? 'C3 H7 N O3'     105.093 
THR 'L-peptide linking' y THREONINE       ? 'C4 H9 N O3'     119.119 
TRP 'L-peptide linking' y TRYPTOPHAN      ? 'C11 H12 N2 O2'  204.225 
TYR 'L-peptide linking' y TYROSINE        ? 'C9 H11 N O3'    181.189 
VAL 'L-peptide linking' y VALINE          ? 'C5 H11 N O2'    117.146 
# 
loop_
_pdbx_poly_seq_scheme.asym_id 
_pdbx_poly_seq_scheme.entity_id 
_pdbx_poly_seq_scheme.seq_id 
_pdbx_poly_seq_scheme.mon_id 
_pdbx_poly_seq_scheme.ndb_seq_num 
_pdbx_poly_seq_scheme.pdb_seq_num 
_pdbx_poly_seq_scheme.auth_seq_num 
_pdbx_poly_seq_scheme.pdb_mon_id 
_pdbx_poly_seq_scheme.auth_mon_id 
_pdbx_poly_seq_scheme.pdb_strand_id 
_pdbx_poly_seq_scheme.pdb_ins_code 
_pdbx_poly_seq_scheme.hetero 
A 1 1  MET 1  1  ?  ?   ?   A . n 
A 1 2  ALA 2  2  ?  ?   ?   A . n 
A 1 3  ASP 3  3  ?  ?   ?   A . n 
A 1 4  LYS 4  4  4  LYS LYS A . n 
A 1 5  VAL 5  5  5  VAL VAL A . n 
A 1 6  LYS 6  6  6  LYS LYS A . n 
A 1 7  SER 7  7  7  SER SER A . n 
A 1 8  ILE 8  8  8  ILE ILE A . n 
A 1 9  GLN 9  9  9  GLN GLN A . n 
A 1 10 PRO 10 10 10 PRO PRO A . n 
A 1 11 GLY 11 11 11 GLY GLY A . n 
A 1 12 PRO 12 12 12 PRO PRO A . n 
A 1 13 ILE 13 13 13 ILE ILE A . n 
A 1 14 PHE 14 14 14 PHE PHE A . n 
A 1 15 TYR 15 15 15 TYR TYR A . n 
A 1 16 ASP 16 16 16 ASP ASP A . n 
A 1 17 VAL 17 17 17 VAL VAL A . n 
A 1 18 PHE 18 18 18 PHE PHE A . n 
A 1 19 LEU 19 19 19 LEU LEU A . n 
A 1 20 VAL 20 20 20 VAL VAL A . n 
A 1 21 TYR 21 21 21 TYR TYR A . n 
A 1 22 LEU 22 22 22 LEU LEU A . n 
A 1 23 ARG 23 23 23 ARG ARG A . n 
A 1 24 VAL 24 24 24 VAL VAL A . n 
A 1 25 ILE 25 25 25 ILE ILE A . n 
A 1 26 GLY 26 26 26 GLY GLY A . n 
A 1 27 THR 27 27 27 THR THR A . n 
A 1 28 ASN 28 28 28 ASN ASN A . n 
A 1 29 LEU 29 29 29 LEU LEU A . n 
A 1 30 LYS 30 30 30 LYS LYS A . n 
A 1 31 ASP 31 31 31 ASP ASP A . n 
A 1 32 TRP 32 32 32 TRP TRP A . n 
A 1 33 CYS 33 33 33 CYS CYS A . n 
A 1 34 ALA 34 34 34 ALA ALA A . n 
A 1 35 PRO 35 35 35 PRO PRO A . n 
A 1 36 HIS 36 36 36 HIS HIS A . n 
A 1 37 GLY 37 37 37 GLY GLY A . n 
A 1 38 VAL 38 38 38 VAL VAL A . n 
A 1 39 THR 39 39 39 THR THR A . n 
A 1 40 ALA 40 40 40 ALA ALA A . n 
A 1 41 THR 41 41 41 THR THR A . n 
A 1 42 ASN 42 42 42 ASN ASN A . n 
A 1 43 ALA 43 43 43 ALA ALA A . n 
A 1 44 LYS 44 44 44 LYS LYS A . n 
A 1 45 SER 45 45 45 SER SER A . n 
A 1 46 ALA 46 46 46 ALA ALA A . n 
A 1 47 ALA 47 47 47 ALA ALA A . n 
A 1 48 THR 48 48 48 THR THR A . n 
A 1 49 GLY 49 49 49 GLY GLY A . n 
A 1 50 GLY 50 50 50 GLY GLY A . n 
A 1 51 TRP 51 51 51 TRP TRP A . n 
A 1 52 ASN 52 52 52 ASN ASN A . n 
A 1 53 GLY 53 53 53 GLY GLY A . n 
A 1 54 THR 54 54 54 THR THR A . n 
A 1 55 LYS 55 55 55 LYS LYS A . n 
A 1 56 ALA 56 56 56 ALA ALA A . n 
A 1 57 ARG 57 57 57 ARG ARG A . n 
A 1 58 ALA 58 58 58 ALA ALA A . n 
A 1 59 LEU 59 59 59 LEU LEU A . n 
A 1 60 ARG 60 60 60 ARG ARG A . n 
A 1 61 GLN 61 61 61 GLN GLN A . n 
A 1 62 LYS 62 62 62 LYS LYS A . n 
A 1 63 MET 63 63 63 MET MET A . n 
A 1 64 ILE 64 64 64 ILE ILE A . n 
A 1 65 ASP 65 65 65 ASP ASP A . n 
A 1 66 GLU 66 66 66 GLU GLU A . n 
A 1 67 VAL 67 67 67 VAL VAL A . n 
A 1 68 GLY 68 68 68 GLY GLY A . n 
A 1 69 GLU 69 69 69 GLU GLU A . n 
A 1 70 GLU 70 70 70 GLU GLU A . n 
A 1 71 THR 71 71 71 THR THR A . n 
A 1 72 PHE 72 72 72 PHE PHE A . n 
A 1 73 LEU 73 73 73 LEU LEU A . n 
A 1 74 ARG 74 74 74 ARG ARG A . n 
A 1 75 LEU 75 75 75 LEU LEU A . n 
A 1 76 TYR 76 76 76 TYR TYR A . n 
A 1 77 THR 77 77 77 THR THR A . n 
A 1 78 GLU 78 78 78 GLU GLU A . n 
A 1 79 ARG 79 79 79 ARG ARG A . n 
A 1 80 LEU 80 80 80 LEU LEU A . n 
A 1 81 ARG 81 81 81 ARG ARG A . n 
A 1 82 ARG 82 82 82 ARG ARG A . n 
A 1 83 GLU 83 83 83 GLU GLU A . n 
A 1 84 ALA 84 84 84 ALA ALA A . n 
A 1 85 ALA 85 85 85 ALA ALA A . n 
A 1 86 LEU 86 86 86 LEU LEU A . n 
A 1 87 GLU 87 87 87 GLU GLU A . n 
A 1 88 HIS 88 88 88 HIS HIS A . n 
A 1 89 HIS 89 89 ?  ?   ?   A . n 
A 1 90 HIS 90 90 ?  ?   ?   A . n 
A 1 91 HIS 91 91 ?  ?   ?   A . n 
A 1 92 HIS 92 92 ?  ?   ?   A . n 
A 1 93 HIS 93 93 ?  ?   ?   A . n 
# 
loop_
_pdbx_nonpoly_scheme.asym_id 
_pdbx_nonpoly_scheme.entity_id 
_pdbx_nonpoly_scheme.mon_id 
_pdbx_nonpoly_scheme.ndb_seq_num 
_pdbx_nonpoly_scheme.pdb_seq_num 
_pdbx_nonpoly_scheme.auth_seq_num 
_pdbx_nonpoly_scheme.pdb_mon_id 
_pdbx_nonpoly_scheme.auth_mon_id 
_pdbx_nonpoly_scheme.pdb_strand_id 
_pdbx_nonpoly_scheme.pdb_ins_code 
B 2 HOH 1  101 6  HOH HOH A . 
B 2 HOH 2  102 8  HOH HOH A . 
B 2 HOH 3  103 5  HOH HOH A . 
B 2 HOH 4  104 1  HOH HOH A . 
B 2 HOH 5  105 11 HOH HOH A . 
B 2 HOH 6  106 2  HOH HOH A . 
B 2 HOH 7  107 9  HOH HOH A . 
B 2 HOH 8  108 7  HOH HOH A . 
B 2 HOH 9  109 4  HOH HOH A . 
B 2 HOH 10 110 10 HOH HOH A . 
B 2 HOH 11 111 3  HOH HOH A . 
# 
loop_
_software.citation_id 
_software.classification 
_software.compiler_name 
_software.compiler_version 
_software.contact_author 
_software.contact_author_email 
_software.date 
_software.description 
_software.dependencies 
_software.hardware 
_software.language 
_software.location 
_software.mods 
_software.name 
_software.os 
_software.os_version 
_software.type 
_software.version 
_software.pdbx_ordinal 
? refinement       ? ? ? ? ? ? ? ? ? ? ? PHENIX ? ? ? '(1.17_3644: ???)' 1 
? 'data reduction' ? ? ? ? ? ? ? ? ? ? ? XDS    ? ? ? .                  2 
? 'data scaling'   ? ? ? ? ? ? ? ? ? ? ? XDS    ? ? ? .                  3 
? phasing          ? ? ? ? ? ? ? ? ? ? ? PHENIX ? ? ? .                  4 
# 
_cell.angle_alpha                  90.00 
_cell.angle_alpha_esd              ? 
_cell.angle_beta                   90.00 
_cell.angle_beta_esd               ? 
_cell.angle_gamma                  90.00 
_cell.angle_gamma_esd              ? 
_cell.entry_id                     9KJ9 
_cell.details                      ? 
_cell.formula_units_Z              ? 
_cell.length_a                     46.680 
_cell.length_a_esd                 ? 
_cell.length_b                     85.550 
_cell.length_b_esd                 ? 
_cell.length_c                     43.850 
_cell.length_c_esd                 ? 
_cell.volume                       ? 
_cell.volume_esd                   ? 
_cell.Z_PDB                        8 
_cell.reciprocal_angle_alpha       ? 
_cell.reciprocal_angle_beta        ? 
_cell.reciprocal_angle_gamma       ? 
_cell.reciprocal_angle_alpha_esd   ? 
_cell.reciprocal_angle_beta_esd    ? 
_cell.reciprocal_angle_gamma_esd   ? 
_cell.reciprocal_length_a          ? 
_cell.reciprocal_length_b          ? 
_cell.reciprocal_length_c          ? 
_cell.reciprocal_length_a_esd      ? 
_cell.reciprocal_length_b_esd      ? 
_cell.reciprocal_length_c_esd      ? 
_cell.pdbx_unique_axis             ? 
_cell.pdbx_esd_method              ? 
# 
_symmetry.entry_id                         9KJ9 
_symmetry.cell_setting                     ? 
_symmetry.Int_Tables_number                20 
_symmetry.space_group_name_Hall            ? 
_symmetry.space_group_name_H-M             'C 2 2 21' 
_symmetry.pdbx_full_space_group_name_H-M   ? 
# 
_exptl.absorpt_coefficient_mu     ? 
_exptl.absorpt_correction_T_max   ? 
_exptl.absorpt_correction_T_min   ? 
_exptl.absorpt_correction_type    ? 
_exptl.absorpt_process_details    ? 
_exptl.entry_id                   9KJ9 
_exptl.crystals_number            1 
_exptl.details                    ? 
_exptl.method                     'X-RAY DIFFRACTION' 
_exptl.method_details             ? 
# 
_exptl_crystal.colour                       ? 
_exptl_crystal.density_diffrn               ? 
_exptl_crystal.density_Matthews             2.07 
_exptl_crystal.density_method               ? 
_exptl_crystal.density_percent_sol          40.44 
_exptl_crystal.description                  ? 
_exptl_crystal.F_000                        ? 
_exptl_crystal.id                           1 
_exptl_crystal.preparation                  ? 
_exptl_crystal.size_max                     ? 
_exptl_crystal.size_mid                     ? 
_exptl_crystal.size_min                     ? 
_exptl_crystal.size_rad                     ? 
_exptl_crystal.colour_lustre                ? 
_exptl_crystal.colour_modifier              ? 
_exptl_crystal.colour_primary               ? 
_exptl_crystal.density_meas                 ? 
_exptl_crystal.density_meas_esd             ? 
_exptl_crystal.density_meas_gt              ? 
_exptl_crystal.density_meas_lt              ? 
_exptl_crystal.density_meas_temp            ? 
_exptl_crystal.density_meas_temp_esd        ? 
_exptl_crystal.density_meas_temp_gt         ? 
_exptl_crystal.density_meas_temp_lt         ? 
_exptl_crystal.pdbx_crystal_image_url       ? 
_exptl_crystal.pdbx_crystal_image_format    ? 
_exptl_crystal.pdbx_mosaicity               ? 
_exptl_crystal.pdbx_mosaicity_esd           ? 
_exptl_crystal.pdbx_mosaic_method           ? 
_exptl_crystal.pdbx_mosaic_block_size       ? 
_exptl_crystal.pdbx_mosaic_block_size_esd   ? 
# 
_exptl_crystal_grow.apparatus       ? 
_exptl_crystal_grow.atmosphere      ? 
_exptl_crystal_grow.crystal_id      1 
_exptl_crystal_grow.details         ? 
_exptl_crystal_grow.method          'VAPOR DIFFUSION, HANGING DROP' 
_exptl_crystal_grow.method_ref      ? 
_exptl_crystal_grow.pH              ? 
_exptl_crystal_grow.pressure        ? 
_exptl_crystal_grow.pressure_esd    ? 
_exptl_crystal_grow.seeding         ? 
_exptl_crystal_grow.seeding_ref     ? 
_exptl_crystal_grow.temp_details    ? 
_exptl_crystal_grow.temp_esd        ? 
_exptl_crystal_grow.time            ? 
_exptl_crystal_grow.pdbx_details    '1.2 M potassium sodium tartrate tetrahydrate, 0.1 M Tris pH 8.0' 
_exptl_crystal_grow.pdbx_pH_range   ? 
_exptl_crystal_grow.temp            293.15 
# 
_diffrn.ambient_environment              ? 
_diffrn.ambient_temp                     125 
_diffrn.ambient_temp_details             ? 
_diffrn.ambient_temp_esd                 ? 
_diffrn.crystal_id                       1 
_diffrn.crystal_support                  ? 
_diffrn.crystal_treatment                ? 
_diffrn.details                          ? 
_diffrn.id                               1 
_diffrn.ambient_pressure                 ? 
_diffrn.ambient_pressure_esd             ? 
_diffrn.ambient_pressure_gt              ? 
_diffrn.ambient_pressure_lt              ? 
_diffrn.ambient_temp_gt                  ? 
_diffrn.ambient_temp_lt                  ? 
_diffrn.pdbx_serial_crystal_experiment   N 
# 
_diffrn_detector.details                      ? 
_diffrn_detector.detector                     PIXEL 
_diffrn_detector.diffrn_id                    1 
_diffrn_detector.type                         'DECTRIS EIGER X 9M' 
_diffrn_detector.area_resol_mean              ? 
_diffrn_detector.dtime                        ? 
_diffrn_detector.pdbx_frames_total            ? 
_diffrn_detector.pdbx_collection_time_total   ? 
_diffrn_detector.pdbx_collection_date         2023-12-11 
_diffrn_detector.pdbx_frequency               ? 
_diffrn_detector.id                           ? 
_diffrn_detector.number_of_axes               ? 
# 
_diffrn_radiation.collimation                      ? 
_diffrn_radiation.diffrn_id                        1 
_diffrn_radiation.filter_edge                      ? 
_diffrn_radiation.inhomogeneity                    ? 
_diffrn_radiation.monochromator                    ? 
_diffrn_radiation.polarisn_norm                    ? 
_diffrn_radiation.polarisn_ratio                   ? 
_diffrn_radiation.probe                            ? 
_diffrn_radiation.type                             ? 
_diffrn_radiation.xray_symbol                      ? 
_diffrn_radiation.wavelength_id                    1 
_diffrn_radiation.pdbx_monochromatic_or_laue_m_l   M 
_diffrn_radiation.pdbx_wavelength_list             ? 
_diffrn_radiation.pdbx_wavelength                  ? 
_diffrn_radiation.pdbx_diffrn_protocol             'SINGLE WAVELENGTH' 
_diffrn_radiation.pdbx_analyzer                    ? 
_diffrn_radiation.pdbx_scattering_type             x-ray 
# 
_diffrn_radiation_wavelength.id           1 
_diffrn_radiation_wavelength.wavelength   1.000 
_diffrn_radiation_wavelength.wt           1.0 
# 
_diffrn_source.current                     ? 
_diffrn_source.details                     ? 
_diffrn_source.diffrn_id                   1 
_diffrn_source.power                       ? 
_diffrn_source.size                        ? 
_diffrn_source.source                      SYNCHROTRON 
_diffrn_source.target                      ? 
_diffrn_source.type                        'PAL/PLS BEAMLINE 5C (4A)' 
_diffrn_source.voltage                     ? 
_diffrn_source.take-off_angle              ? 
_diffrn_source.pdbx_wavelength_list        1.000 
_diffrn_source.pdbx_wavelength             ? 
_diffrn_source.pdbx_synchrotron_beamline   '5C (4A)' 
_diffrn_source.pdbx_synchrotron_site       PAL/PLS 
# 
_reflns.B_iso_Wilson_estimate                          ? 
_reflns.entry_id                                       9KJ9 
_reflns.data_reduction_details                         ? 
_reflns.data_reduction_method                          ? 
_reflns.d_resolution_high                              2.39 
_reflns.d_resolution_low                               29.94 
_reflns.details                                        ? 
_reflns.limit_h_max                                    ? 
_reflns.limit_h_min                                    ? 
_reflns.limit_k_max                                    ? 
_reflns.limit_k_min                                    ? 
_reflns.limit_l_max                                    ? 
_reflns.limit_l_min                                    ? 
_reflns.number_all                                     ? 
_reflns.number_obs                                     3670 
_reflns.observed_criterion                             ? 
_reflns.observed_criterion_F_max                       ? 
_reflns.observed_criterion_F_min                       ? 
_reflns.observed_criterion_I_max                       ? 
_reflns.observed_criterion_I_min                       ? 
_reflns.observed_criterion_sigma_F                     ? 
_reflns.observed_criterion_sigma_I                     ? 
_reflns.percent_possible_obs                           99.51 
_reflns.R_free_details                                 ? 
_reflns.Rmerge_F_all                                   ? 
_reflns.Rmerge_F_obs                                   ? 
_reflns.Friedel_coverage                               ? 
_reflns.number_gt                                      ? 
_reflns.threshold_expression                           ? 
_reflns.pdbx_redundancy                                12.6 
_reflns.pdbx_netI_over_av_sigmaI                       ? 
_reflns.pdbx_netI_over_sigmaI                          18.08 
_reflns.pdbx_res_netI_over_av_sigmaI_2                 ? 
_reflns.pdbx_res_netI_over_sigmaI_2                    ? 
_reflns.pdbx_chi_squared                               ? 
_reflns.pdbx_scaling_rejects                           ? 
_reflns.pdbx_d_res_high_opt                            ? 
_reflns.pdbx_d_res_low_opt                             ? 
_reflns.pdbx_d_res_opt_method                          ? 
_reflns.phase_calculation_details                      ? 
_reflns.pdbx_Rrim_I_all                                ? 
_reflns.pdbx_Rpim_I_all                                ? 
_reflns.pdbx_d_opt                                     ? 
_reflns.pdbx_number_measured_all                       ? 
_reflns.pdbx_diffrn_id                                 1 
_reflns.pdbx_ordinal                                   1 
_reflns.pdbx_CC_half                                   0.997 
_reflns.pdbx_CC_star                                   ? 
_reflns.pdbx_R_split                                   ? 
_reflns.pdbx_Rmerge_I_obs                              ? 
_reflns.pdbx_Rmerge_I_all                              ? 
_reflns.pdbx_Rsym_value                                ? 
_reflns.pdbx_CC_split_method                           ? 
_reflns.pdbx_aniso_diffraction_limit_axis_1_ortho[1]   ? 
_reflns.pdbx_aniso_diffraction_limit_axis_1_ortho[2]   ? 
_reflns.pdbx_aniso_diffraction_limit_axis_1_ortho[3]   ? 
_reflns.pdbx_aniso_diffraction_limit_axis_2_ortho[1]   ? 
_reflns.pdbx_aniso_diffraction_limit_axis_2_ortho[2]   ? 
_reflns.pdbx_aniso_diffraction_limit_axis_2_ortho[3]   ? 
_reflns.pdbx_aniso_diffraction_limit_axis_3_ortho[1]   ? 
_reflns.pdbx_aniso_diffraction_limit_axis_3_ortho[2]   ? 
_reflns.pdbx_aniso_diffraction_limit_axis_3_ortho[3]   ? 
_reflns.pdbx_aniso_diffraction_limit_1                 ? 
_reflns.pdbx_aniso_diffraction_limit_2                 ? 
_reflns.pdbx_aniso_diffraction_limit_3                 ? 
_reflns.pdbx_aniso_B_tensor_eigenvector_1_ortho[1]     ? 
_reflns.pdbx_aniso_B_tensor_eigenvector_1_ortho[2]     ? 
_reflns.pdbx_aniso_B_tensor_eigenvector_1_ortho[3]     ? 
_reflns.pdbx_aniso_B_tensor_eigenvector_2_ortho[1]     ? 
_reflns.pdbx_aniso_B_tensor_eigenvector_2_ortho[2]     ? 
_reflns.pdbx_aniso_B_tensor_eigenvector_2_ortho[3]     ? 
_reflns.pdbx_aniso_B_tensor_eigenvector_3_ortho[1]     ? 
_reflns.pdbx_aniso_B_tensor_eigenvector_3_ortho[2]     ? 
_reflns.pdbx_aniso_B_tensor_eigenvector_3_ortho[3]     ? 
_reflns.pdbx_aniso_B_tensor_eigenvalue_1               ? 
_reflns.pdbx_aniso_B_tensor_eigenvalue_2               ? 
_reflns.pdbx_aniso_B_tensor_eigenvalue_3               ? 
_reflns.pdbx_orthogonalization_convention              ? 
_reflns.pdbx_percent_possible_ellipsoidal              ? 
_reflns.pdbx_percent_possible_spherical                ? 
_reflns.pdbx_percent_possible_ellipsoidal_anomalous    ? 
_reflns.pdbx_percent_possible_spherical_anomalous      ? 
_reflns.pdbx_redundancy_anomalous                      ? 
_reflns.pdbx_CC_half_anomalous                         ? 
_reflns.pdbx_absDiff_over_sigma_anomalous              ? 
_reflns.pdbx_percent_possible_anomalous                ? 
_reflns.pdbx_observed_signal_threshold                 ? 
_reflns.pdbx_signal_type                               ? 
_reflns.pdbx_signal_details                            ? 
_reflns.pdbx_signal_software_id                        ? 
# 
_reflns_shell.d_res_high                                    2.393 
_reflns_shell.d_res_low                                     2.479 
_reflns_shell.meanI_over_sigI_all                           ? 
_reflns_shell.meanI_over_sigI_obs                           ? 
_reflns_shell.number_measured_all                           ? 
_reflns_shell.number_measured_obs                           ? 
_reflns_shell.number_possible                               ? 
_reflns_shell.number_unique_all                             ? 
_reflns_shell.number_unique_obs                             352 
_reflns_shell.percent_possible_obs                          ? 
_reflns_shell.Rmerge_F_all                                  ? 
_reflns_shell.Rmerge_F_obs                                  ? 
_reflns_shell.meanI_over_sigI_gt                            ? 
_reflns_shell.meanI_over_uI_all                             ? 
_reflns_shell.meanI_over_uI_gt                              ? 
_reflns_shell.number_measured_gt                            ? 
_reflns_shell.number_unique_gt                              ? 
_reflns_shell.percent_possible_gt                           ? 
_reflns_shell.Rmerge_F_gt                                   ? 
_reflns_shell.Rmerge_I_gt                                   ? 
_reflns_shell.pdbx_redundancy                               ? 
_reflns_shell.pdbx_chi_squared                              ? 
_reflns_shell.pdbx_netI_over_sigmaI_all                     ? 
_reflns_shell.pdbx_netI_over_sigmaI_obs                     ? 
_reflns_shell.pdbx_Rrim_I_all                               ? 
_reflns_shell.pdbx_Rpim_I_all                               ? 
_reflns_shell.pdbx_rejects                                  ? 
_reflns_shell.pdbx_ordinal                                  1 
_reflns_shell.pdbx_diffrn_id                                1 
_reflns_shell.pdbx_CC_half                                  0.97 
_reflns_shell.pdbx_CC_star                                  ? 
_reflns_shell.pdbx_R_split                                  ? 
_reflns_shell.percent_possible_all                          ? 
_reflns_shell.Rmerge_I_all                                  ? 
_reflns_shell.Rmerge_I_obs                                  ? 
_reflns_shell.pdbx_Rsym_value                               ? 
_reflns_shell.pdbx_percent_possible_ellipsoidal             ? 
_reflns_shell.pdbx_percent_possible_spherical               ? 
_reflns_shell.pdbx_percent_possible_ellipsoidal_anomalous   ? 
_reflns_shell.pdbx_percent_possible_spherical_anomalous     ? 
_reflns_shell.pdbx_redundancy_anomalous                     ? 
_reflns_shell.pdbx_CC_half_anomalous                        ? 
_reflns_shell.pdbx_absDiff_over_sigma_anomalous             ? 
_reflns_shell.pdbx_percent_possible_anomalous               ? 
# 
_refine.aniso_B[1][1]                            ? 
_refine.aniso_B[1][2]                            ? 
_refine.aniso_B[1][3]                            ? 
_refine.aniso_B[2][2]                            ? 
_refine.aniso_B[2][3]                            ? 
_refine.aniso_B[3][3]                            ? 
_refine.B_iso_max                                ? 
_refine.B_iso_mean                               ? 
_refine.B_iso_min                                ? 
_refine.correlation_coeff_Fo_to_Fc               ? 
_refine.correlation_coeff_Fo_to_Fc_free          ? 
_refine.details                                  ? 
_refine.diff_density_max                         ? 
_refine.diff_density_max_esd                     ? 
_refine.diff_density_min                         ? 
_refine.diff_density_min_esd                     ? 
_refine.diff_density_rms                         ? 
_refine.diff_density_rms_esd                     ? 
_refine.entry_id                                 9KJ9 
_refine.pdbx_refine_id                           'X-RAY DIFFRACTION' 
_refine.ls_abs_structure_details                 ? 
_refine.ls_abs_structure_Flack                   ? 
_refine.ls_abs_structure_Flack_esd               ? 
_refine.ls_abs_structure_Rogers                  ? 
_refine.ls_abs_structure_Rogers_esd              ? 
_refine.ls_d_res_high                            2.39 
_refine.ls_d_res_low                             29.94 
_refine.ls_extinction_coef                       ? 
_refine.ls_extinction_coef_esd                   ? 
_refine.ls_extinction_expression                 ? 
_refine.ls_extinction_method                     ? 
_refine.ls_goodness_of_fit_all                   ? 
_refine.ls_goodness_of_fit_all_esd               ? 
_refine.ls_goodness_of_fit_obs                   ? 
_refine.ls_goodness_of_fit_obs_esd               ? 
_refine.ls_hydrogen_treatment                    ? 
_refine.ls_matrix_type                           ? 
_refine.ls_number_constraints                    ? 
_refine.ls_number_parameters                     ? 
_refine.ls_number_reflns_all                     ? 
_refine.ls_number_reflns_obs                     3669 
_refine.ls_number_reflns_R_free                  365 
_refine.ls_number_reflns_R_work                  ? 
_refine.ls_number_restraints                     ? 
_refine.ls_percent_reflns_obs                    99.59 
_refine.ls_percent_reflns_R_free                 9.95 
_refine.ls_R_factor_all                          ? 
_refine.ls_R_factor_obs                          0.2206 
_refine.ls_R_factor_R_free                       0.2952 
_refine.ls_R_factor_R_free_error                 ? 
_refine.ls_R_factor_R_free_error_details         ? 
_refine.ls_R_factor_R_work                       0.2124 
_refine.ls_R_Fsqd_factor_obs                     ? 
_refine.ls_R_I_factor_obs                        ? 
_refine.ls_redundancy_reflns_all                 ? 
_refine.ls_redundancy_reflns_obs                 ? 
_refine.ls_restrained_S_all                      ? 
_refine.ls_restrained_S_obs                      ? 
_refine.ls_shift_over_esd_max                    ? 
_refine.ls_shift_over_esd_mean                   ? 
_refine.ls_structure_factor_coef                 ? 
_refine.ls_weighting_details                     ? 
_refine.ls_weighting_scheme                      ? 
_refine.ls_wR_factor_all                         ? 
_refine.ls_wR_factor_obs                         ? 
_refine.ls_wR_factor_R_free                      ? 
_refine.ls_wR_factor_R_work                      ? 
_refine.occupancy_max                            ? 
_refine.occupancy_min                            ? 
_refine.solvent_model_details                    'FLAT BULK SOLVENT MODEL' 
_refine.solvent_model_param_bsol                 ? 
_refine.solvent_model_param_ksol                 ? 
_refine.pdbx_R_complete                          ? 
_refine.ls_R_factor_gt                           ? 
_refine.ls_goodness_of_fit_gt                    ? 
_refine.ls_goodness_of_fit_ref                   ? 
_refine.ls_shift_over_su_max                     ? 
_refine.ls_shift_over_su_max_lt                  ? 
_refine.ls_shift_over_su_mean                    ? 
_refine.ls_shift_over_su_mean_lt                 ? 
_refine.pdbx_ls_sigma_I                          ? 
_refine.pdbx_ls_sigma_F                          1.35 
_refine.pdbx_ls_sigma_Fsqd                       ? 
_refine.pdbx_data_cutoff_high_absF               ? 
_refine.pdbx_data_cutoff_high_rms_absF           ? 
_refine.pdbx_data_cutoff_low_absF                ? 
_refine.pdbx_isotropic_thermal_model             ? 
_refine.pdbx_ls_cross_valid_method               'FREE R-VALUE' 
_refine.pdbx_method_to_determine_struct          'MOLECULAR REPLACEMENT' 
_refine.pdbx_starting_model                      AlphaFold 
_refine.pdbx_stereochemistry_target_values       ML 
_refine.pdbx_R_Free_selection_details            ? 
_refine.pdbx_stereochem_target_val_spec_case     ? 
_refine.pdbx_overall_ESU_R                       ? 
_refine.pdbx_overall_ESU_R_Free                  ? 
_refine.pdbx_solvent_vdw_probe_radii             1.11 
_refine.pdbx_solvent_ion_probe_radii             ? 
_refine.pdbx_solvent_shrinkage_radii             0.90 
_refine.pdbx_real_space_R                        ? 
_refine.pdbx_density_correlation                 ? 
_refine.pdbx_pd_number_of_powder_patterns        ? 
_refine.pdbx_pd_number_of_points                 ? 
_refine.pdbx_pd_meas_number_of_points            ? 
_refine.pdbx_pd_proc_ls_prof_R_factor            ? 
_refine.pdbx_pd_proc_ls_prof_wR_factor           ? 
_refine.pdbx_pd_Marquardt_correlation_coeff      ? 
_refine.pdbx_pd_Fsqrd_R_factor                   ? 
_refine.pdbx_pd_ls_matrix_band_width             ? 
_refine.pdbx_overall_phase_error                 31.20 
_refine.pdbx_overall_SU_R_free_Cruickshank_DPI   ? 
_refine.pdbx_overall_SU_R_free_Blow_DPI          ? 
_refine.pdbx_overall_SU_R_Blow_DPI               ? 
_refine.pdbx_TLS_residual_ADP_flag               ? 
_refine.pdbx_diffrn_id                           1 
_refine.overall_SU_B                             ? 
_refine.overall_SU_ML                            0.35 
_refine.overall_SU_R_Cruickshank_DPI             ? 
_refine.overall_SU_R_free                        ? 
_refine.overall_FOM_free_R_set                   ? 
_refine.overall_FOM_work_R_set                   ? 
_refine.pdbx_average_fsc_overall                 ? 
_refine.pdbx_average_fsc_work                    ? 
_refine.pdbx_average_fsc_free                    ? 
# 
_refine_hist.pdbx_refine_id                   'X-RAY DIFFRACTION' 
_refine_hist.cycle_id                         LAST 
_refine_hist.details                          ? 
_refine_hist.d_res_high                       2.39 
_refine_hist.d_res_low                        29.94 
_refine_hist.number_atoms_solvent             11 
_refine_hist.number_atoms_total               686 
_refine_hist.number_reflns_all                ? 
_refine_hist.number_reflns_obs                ? 
_refine_hist.number_reflns_R_free             ? 
_refine_hist.number_reflns_R_work             ? 
_refine_hist.R_factor_all                     ? 
_refine_hist.R_factor_obs                     ? 
_refine_hist.R_factor_R_free                  ? 
_refine_hist.R_factor_R_work                  ? 
_refine_hist.pdbx_number_residues_total       ? 
_refine_hist.pdbx_B_iso_mean_ligand           ? 
_refine_hist.pdbx_B_iso_mean_solvent          ? 
_refine_hist.pdbx_number_atoms_protein        675 
_refine_hist.pdbx_number_atoms_nucleic_acid   0 
_refine_hist.pdbx_number_atoms_ligand         0 
_refine_hist.pdbx_number_atoms_lipid          ? 
_refine_hist.pdbx_number_atoms_carb           ? 
_refine_hist.pdbx_pseudo_atom_details         ? 
# 
loop_
_refine_ls_restr.pdbx_refine_id 
_refine_ls_restr.criterion 
_refine_ls_restr.dev_ideal 
_refine_ls_restr.dev_ideal_target 
_refine_ls_restr.number 
_refine_ls_restr.rejects 
_refine_ls_restr.type 
_refine_ls_restr.weight 
_refine_ls_restr.pdbx_restraint_function 
'X-RAY DIFFRACTION' ? 0.009 ? 689 ? f_bond_d           ? ? 
'X-RAY DIFFRACTION' ? 0.857 ? 931 ? f_angle_d          ? ? 
'X-RAY DIFFRACTION' ? 5.803 ? 94  ? f_dihedral_angle_d ? ? 
'X-RAY DIFFRACTION' ? 0.057 ? 103 ? f_chiral_restr     ? ? 
'X-RAY DIFFRACTION' ? 0.005 ? 118 ? f_plane_restr      ? ? 
# 
loop_
_refine_ls_shell.pdbx_refine_id 
_refine_ls_shell.d_res_high 
_refine_ls_shell.d_res_low 
_refine_ls_shell.number_reflns_all 
_refine_ls_shell.number_reflns_obs 
_refine_ls_shell.number_reflns_R_free 
_refine_ls_shell.number_reflns_R_work 
_refine_ls_shell.percent_reflns_obs 
_refine_ls_shell.percent_reflns_R_free 
_refine_ls_shell.R_factor_all 
_refine_ls_shell.R_factor_obs 
_refine_ls_shell.R_factor_R_free_error 
_refine_ls_shell.R_factor_R_work 
_refine_ls_shell.redundancy_reflns_all 
_refine_ls_shell.redundancy_reflns_obs 
_refine_ls_shell.wR_factor_all 
_refine_ls_shell.wR_factor_obs 
_refine_ls_shell.wR_factor_R_free 
_refine_ls_shell.wR_factor_R_work 
_refine_ls_shell.pdbx_R_complete 
_refine_ls_shell.pdbx_total_number_of_bins_used 
_refine_ls_shell.pdbx_phase_error 
_refine_ls_shell.pdbx_fsc_work 
_refine_ls_shell.pdbx_fsc_free 
_refine_ls_shell.R_factor_R_free 
'X-RAY DIFFRACTION' 2.39 2.74  . . 116 1084 100.00 . . . . 0.2245 . . . . . . . . . . . 0.3501 
'X-RAY DIFFRACTION' 2.74 3.45  . . 124 1085 100.00 . . . . 0.2484 . . . . . . . . . . . 0.3203 
'X-RAY DIFFRACTION' 3.45 29.94 . . 125 1135 99.00  . . . . 0.1935 . . . . . . . . . . . 0.2714 
# 
_struct.entry_id                     9KJ9 
_struct.title                        'Anti-CRISPR protein AcrVIA6' 
_struct.pdbx_model_details           ? 
_struct.pdbx_formula_weight          ? 
_struct.pdbx_formula_weight_method   ? 
_struct.pdbx_model_type_details      ? 
_struct.pdbx_CASP_flag               N 
# 
_struct_keywords.entry_id        9KJ9 
_struct_keywords.text            'AcrVIA6, Immune system, DNA binding protein, STRUCTURAL PROTEIN' 
_struct_keywords.pdbx_keywords   'STRUCTURAL PROTEIN' 
# 
loop_
_struct_asym.id 
_struct_asym.pdbx_blank_PDB_chainid_flag 
_struct_asym.pdbx_modified 
_struct_asym.entity_id 
_struct_asym.details 
A N N 1 ? 
B N N 2 ? 
# 
_struct_ref.id                         1 
_struct_ref.db_name                    UNP 
_struct_ref.db_code                    D5APT5_RHOCB 
_struct_ref.pdbx_db_accession          D5APT5 
_struct_ref.pdbx_db_isoform            ? 
_struct_ref.entity_id                  1 
_struct_ref.pdbx_seq_one_letter_code   
;MADKVKSIQPGPIFYDVFLVYLRVIGTNLKDWCAPHGVTATNAKSAATGGWNGTKARALRQKMIDEVGEETFLRLYTERL
RREAA
;
_struct_ref.pdbx_align_begin           1 
# 
_struct_ref_seq.align_id                      1 
_struct_ref_seq.ref_id                        1 
_struct_ref_seq.pdbx_PDB_id_code              9KJ9 
_struct_ref_seq.pdbx_strand_id                A 
_struct_ref_seq.seq_align_beg                 1 
_struct_ref_seq.pdbx_seq_align_beg_ins_code   ? 
_struct_ref_seq.seq_align_end                 85 
_struct_ref_seq.pdbx_seq_align_end_ins_code   ? 
_struct_ref_seq.pdbx_db_accession             D5APT5 
_struct_ref_seq.db_align_beg                  1 
_struct_ref_seq.pdbx_db_align_beg_ins_code    ? 
_struct_ref_seq.db_align_end                  85 
_struct_ref_seq.pdbx_db_align_end_ins_code    ? 
_struct_ref_seq.pdbx_auth_seq_align_beg       1 
_struct_ref_seq.pdbx_auth_seq_align_end       85 
# 
loop_
_struct_ref_seq_dif.align_id 
_struct_ref_seq_dif.pdbx_pdb_id_code 
_struct_ref_seq_dif.mon_id 
_struct_ref_seq_dif.pdbx_pdb_strand_id 
_struct_ref_seq_dif.seq_num 
_struct_ref_seq_dif.pdbx_pdb_ins_code 
_struct_ref_seq_dif.pdbx_seq_db_name 
_struct_ref_seq_dif.pdbx_seq_db_accession_code 
_struct_ref_seq_dif.db_mon_id 
_struct_ref_seq_dif.pdbx_seq_db_seq_num 
_struct_ref_seq_dif.details 
_struct_ref_seq_dif.pdbx_auth_seq_num 
_struct_ref_seq_dif.pdbx_ordinal 
1 9KJ9 LEU A 86 ? UNP D5APT5 ? ? 'expression tag' 86 1 
1 9KJ9 GLU A 87 ? UNP D5APT5 ? ? 'expression tag' 87 2 
1 9KJ9 HIS A 88 ? UNP D5APT5 ? ? 'expression tag' 88 3 
1 9KJ9 HIS A 89 ? UNP D5APT5 ? ? 'expression tag' 89 4 
1 9KJ9 HIS A 90 ? UNP D5APT5 ? ? 'expression tag' 90 5 
1 9KJ9 HIS A 91 ? UNP D5APT5 ? ? 'expression tag' 91 6 
1 9KJ9 HIS A 92 ? UNP D5APT5 ? ? 'expression tag' 92 7 
1 9KJ9 HIS A 93 ? UNP D5APT5 ? ? 'expression tag' 93 8 
# 
_pdbx_struct_assembly.id                   1 
_pdbx_struct_assembly.details              author_and_software_defined_assembly 
_pdbx_struct_assembly.method_details       PISA 
_pdbx_struct_assembly.oligomeric_details   monomeric 
_pdbx_struct_assembly.oligomeric_count     1 
# 
loop_
_pdbx_struct_assembly_prop.biol_id 
_pdbx_struct_assembly_prop.type 
_pdbx_struct_assembly_prop.value 
_pdbx_struct_assembly_prop.details 
1 'ABSA (A^2)' 0    ? 
1 MORE         0    ? 
1 'SSA (A^2)'  5750 ? 
# 
_pdbx_struct_assembly_gen.assembly_id       1 
_pdbx_struct_assembly_gen.oper_expression   1 
_pdbx_struct_assembly_gen.asym_id_list      A,B 
# 
_pdbx_struct_assembly_auth_evidence.id                     1 
_pdbx_struct_assembly_auth_evidence.assembly_id            1 
_pdbx_struct_assembly_auth_evidence.experimental_support   'light scattering' 
_pdbx_struct_assembly_auth_evidence.details                ? 
# 
_pdbx_struct_oper_list.id                   1 
_pdbx_struct_oper_list.type                 'identity operation' 
_pdbx_struct_oper_list.name                 1_555 
_pdbx_struct_oper_list.symmetry_operation   x,y,z 
_pdbx_struct_oper_list.matrix[1][1]         1.0000000000 
_pdbx_struct_oper_list.matrix[1][2]         0.0000000000 
_pdbx_struct_oper_list.matrix[1][3]         0.0000000000 
_pdbx_struct_oper_list.vector[1]            0.0000000000 
_pdbx_struct_oper_list.matrix[2][1]         0.0000000000 
_pdbx_struct_oper_list.matrix[2][2]         1.0000000000 
_pdbx_struct_oper_list.matrix[2][3]         0.0000000000 
_pdbx_struct_oper_list.vector[2]            0.0000000000 
_pdbx_struct_oper_list.matrix[3][1]         0.0000000000 
_pdbx_struct_oper_list.matrix[3][2]         0.0000000000 
_pdbx_struct_oper_list.matrix[3][3]         1.0000000000 
_pdbx_struct_oper_list.vector[3]            0.0000000000 
# 
loop_
_struct_conf.conf_type_id 
_struct_conf.id 
_struct_conf.pdbx_PDB_helix_id 
_struct_conf.beg_label_comp_id 
_struct_conf.beg_label_asym_id 
_struct_conf.beg_label_seq_id 
_struct_conf.pdbx_beg_PDB_ins_code 
_struct_conf.end_label_comp_id 
_struct_conf.end_label_asym_id 
_struct_conf.end_label_seq_id 
_struct_conf.pdbx_end_PDB_ins_code 
_struct_conf.beg_auth_comp_id 
_struct_conf.beg_auth_asym_id 
_struct_conf.beg_auth_seq_id 
_struct_conf.end_auth_comp_id 
_struct_conf.end_auth_asym_id 
_struct_conf.end_auth_seq_id 
_struct_conf.pdbx_PDB_helix_class 
_struct_conf.details 
_struct_conf.pdbx_PDB_helix_length 
HELX_P HELX_P1 AA1 GLY A 11 ? ILE A 25 ? GLY A 11 ILE A 25 1 ? 15 
HELX_P HELX_P2 AA2 ASN A 28 ? ALA A 34 ? ASN A 28 ALA A 34 1 ? 7  
HELX_P HELX_P3 AA3 PRO A 35 ? GLY A 37 ? PRO A 35 GLY A 37 5 ? 3  
HELX_P HELX_P4 AA4 THR A 39 ? THR A 48 ? THR A 39 THR A 48 1 ? 10 
HELX_P HELX_P5 AA5 GLY A 53 ? VAL A 67 ? GLY A 53 VAL A 67 1 ? 15 
HELX_P HELX_P6 AA6 GLY A 68 ? GLU A 87 ? GLY A 68 GLU A 87 1 ? 20 
# 
_struct_conf_type.id          HELX_P 
_struct_conf_type.criteria    ? 
_struct_conf_type.reference   ? 
# 
_pdbx_entry_details.entry_id                   9KJ9 
_pdbx_entry_details.compound_details           ? 
_pdbx_entry_details.source_details             ? 
_pdbx_entry_details.nonpolymer_details         ? 
_pdbx_entry_details.sequence_details           ? 
_pdbx_entry_details.has_ligand_of_interest     ? 
_pdbx_entry_details.has_protein_modification   N 
# 
_pdbx_validate_torsion.id              1 
_pdbx_validate_torsion.PDB_model_num   1 
_pdbx_validate_torsion.auth_comp_id    THR 
_pdbx_validate_torsion.auth_asym_id    A 
_pdbx_validate_torsion.auth_seq_id     27 
_pdbx_validate_torsion.PDB_ins_code    ? 
_pdbx_validate_torsion.label_alt_id    ? 
_pdbx_validate_torsion.phi             -100.93 
_pdbx_validate_torsion.psi             -162.17 
# 
_pdbx_struct_special_symmetry.id              1 
_pdbx_struct_special_symmetry.PDB_model_num   1 
_pdbx_struct_special_symmetry.auth_asym_id    A 
_pdbx_struct_special_symmetry.auth_comp_id    HOH 
_pdbx_struct_special_symmetry.auth_seq_id     106 
_pdbx_struct_special_symmetry.PDB_ins_code    ? 
_pdbx_struct_special_symmetry.label_asym_id   B 
_pdbx_struct_special_symmetry.label_comp_id   HOH 
_pdbx_struct_special_symmetry.label_seq_id    . 
# 
loop_
_pdbx_unobs_or_zero_occ_residues.id 
_pdbx_unobs_or_zero_occ_residues.PDB_model_num 
_pdbx_unobs_or_zero_occ_residues.polymer_flag 
_pdbx_unobs_or_zero_occ_residues.occupancy_flag 
_pdbx_unobs_or_zero_occ_residues.auth_asym_id 
_pdbx_unobs_or_zero_occ_residues.auth_comp_id 
_pdbx_unobs_or_zero_occ_residues.auth_seq_id 
_pdbx_unobs_or_zero_occ_residues.PDB_ins_code 
_pdbx_unobs_or_zero_occ_residues.label_asym_id 
_pdbx_unobs_or_zero_occ_residues.label_comp_id 
_pdbx_unobs_or_zero_occ_residues.label_seq_id 
1 1 Y 1 A MET 1  ? A MET 1  
2 1 Y 1 A ALA 2  ? A ALA 2  
3 1 Y 1 A ASP 3  ? A ASP 3  
4 1 Y 1 A HIS 89 ? A HIS 89 
5 1 Y 1 A HIS 90 ? A HIS 90 
6 1 Y 1 A HIS 91 ? A HIS 91 
7 1 Y 1 A HIS 92 ? A HIS 92 
8 1 Y 1 A HIS 93 ? A HIS 93 
# 
loop_
_chem_comp_atom.comp_id 
_chem_comp_atom.atom_id 
_chem_comp_atom.type_symbol 
_chem_comp_atom.pdbx_aromatic_flag 
_chem_comp_atom.pdbx_stereo_config 
_chem_comp_atom.pdbx_ordinal 
ALA N    N N N 1   
ALA CA   C N S 2   
ALA C    C N N 3   
ALA O    O N N 4   
ALA CB   C N N 5   
ALA OXT  O N N 6   
ALA H    H N N 7   
ALA H2   H N N 8   
ALA HA   H N N 9   
ALA HB1  H N N 10  
ALA HB2  H N N 11  
ALA HB3  H N N 12  
ALA HXT  H N N 13  
ARG N    N N N 14  
ARG CA   C N S 15  
ARG C    C N N 16  
ARG O    O N N 17  
ARG CB   C N N 18  
ARG CG   C N N 19  
ARG CD   C N N 20  
ARG NE   N N N 21  
ARG CZ   C N N 22  
ARG NH1  N N N 23  
ARG NH2  N N N 24  
ARG OXT  O N N 25  
ARG H    H N N 26  
ARG H2   H N N 27  
ARG HA   H N N 28  
ARG HB2  H N N 29  
ARG HB3  H N N 30  
ARG HG2  H N N 31  
ARG HG3  H N N 32  
ARG HD2  H N N 33  
ARG HD3  H N N 34  
ARG HE   H N N 35  
ARG HH11 H N N 36  
ARG HH12 H N N 37  
ARG HH21 H N N 38  
ARG HH22 H N N 39  
ARG HXT  H N N 40  
ASN N    N N N 41  
ASN CA   C N S 42  
ASN C    C N N 43  
ASN O    O N N 44  
ASN CB   C N N 45  
ASN CG   C N N 46  
ASN OD1  O N N 47  
ASN ND2  N N N 48  
ASN OXT  O N N 49  
ASN H    H N N 50  
ASN H2   H N N 51  
ASN HA   H N N 52  
ASN HB2  H N N 53  
ASN HB3  H N N 54  
ASN HD21 H N N 55  
ASN HD22 H N N 56  
ASN HXT  H N N 57  
ASP N    N N N 58  
ASP CA   C N S 59  
ASP C    C N N 60  
ASP O    O N N 61  
ASP CB   C N N 62  
ASP CG   C N N 63  
ASP OD1  O N N 64  
ASP OD2  O N N 65  
ASP OXT  O N N 66  
ASP H    H N N 67  
ASP H2   H N N 68  
ASP HA   H N N 69  
ASP HB2  H N N 70  
ASP HB3  H N N 71  
ASP HD2  H N N 72  
ASP HXT  H N N 73  
CYS N    N N N 74  
CYS CA   C N R 75  
CYS C    C N N 76  
CYS O    O N N 77  
CYS CB   C N N 78  
CYS SG   S N N 79  
CYS OXT  O N N 80  
CYS H    H N N 81  
CYS H2   H N N 82  
CYS HA   H N N 83  
CYS HB2  H N N 84  
CYS HB3  H N N 85  
CYS HG   H N N 86  
CYS HXT  H N N 87  
GLN N    N N N 88  
GLN CA   C N S 89  
GLN C    C N N 90  
GLN O    O N N 91  
GLN CB   C N N 92  
GLN CG   C N N 93  
GLN CD   C N N 94  
GLN OE1  O N N 95  
GLN NE2  N N N 96  
GLN OXT  O N N 97  
GLN H    H N N 98  
GLN H2   H N N 99  
GLN HA   H N N 100 
GLN HB2  H N N 101 
GLN HB3  H N N 102 
GLN HG2  H N N 103 
GLN HG3  H N N 104 
GLN HE21 H N N 105 
GLN HE22 H N N 106 
GLN HXT  H N N 107 
GLU N    N N N 108 
GLU CA   C N S 109 
GLU C    C N N 110 
GLU O    O N N 111 
GLU CB   C N N 112 
GLU CG   C N N 113 
GLU CD   C N N 114 
GLU OE1  O N N 115 
GLU OE2  O N N 116 
GLU OXT  O N N 117 
GLU H    H N N 118 
GLU H2   H N N 119 
GLU HA   H N N 120 
GLU HB2  H N N 121 
GLU HB3  H N N 122 
GLU HG2  H N N 123 
GLU HG3  H N N 124 
GLU HE2  H N N 125 
GLU HXT  H N N 126 
GLY N    N N N 127 
GLY CA   C N N 128 
GLY C    C N N 129 
GLY O    O N N 130 
GLY OXT  O N N 131 
GLY H    H N N 132 
GLY H2   H N N 133 
GLY HA2  H N N 134 
GLY HA3  H N N 135 
GLY HXT  H N N 136 
HIS N    N N N 137 
HIS CA   C N S 138 
HIS C    C N N 139 
HIS O    O N N 140 
HIS CB   C N N 141 
HIS CG   C Y N 142 
HIS ND1  N Y N 143 
HIS CD2  C Y N 144 
HIS CE1  C Y N 145 
HIS NE2  N Y N 146 
HIS OXT  O N N 147 
HIS H    H N N 148 
HIS H2   H N N 149 
HIS HA   H N N 150 
HIS HB2  H N N 151 
HIS HB3  H N N 152 
HIS HD1  H N N 153 
HIS HD2  H N N 154 
HIS HE1  H N N 155 
HIS HE2  H N N 156 
HIS HXT  H N N 157 
HOH O    O N N 158 
HOH H1   H N N 159 
HOH H2   H N N 160 
ILE N    N N N 161 
ILE CA   C N S 162 
ILE C    C N N 163 
ILE O    O N N 164 
ILE CB   C N S 165 
ILE CG1  C N N 166 
ILE CG2  C N N 167 
ILE CD1  C N N 168 
ILE OXT  O N N 169 
ILE H    H N N 170 
ILE H2   H N N 171 
ILE HA   H N N 172 
ILE HB   H N N 173 
ILE HG12 H N N 174 
ILE HG13 H N N 175 
ILE HG21 H N N 176 
ILE HG22 H N N 177 
ILE HG23 H N N 178 
ILE HD11 H N N 179 
ILE HD12 H N N 180 
ILE HD13 H N N 181 
ILE HXT  H N N 182 
LEU N    N N N 183 
LEU CA   C N S 184 
LEU C    C N N 185 
LEU O    O N N 186 
LEU CB   C N N 187 
LEU CG   C N N 188 
LEU CD1  C N N 189 
LEU CD2  C N N 190 
LEU OXT  O N N 191 
LEU H    H N N 192 
LEU H2   H N N 193 
LEU HA   H N N 194 
LEU HB2  H N N 195 
LEU HB3  H N N 196 
LEU HG   H N N 197 
LEU HD11 H N N 198 
LEU HD12 H N N 199 
LEU HD13 H N N 200 
LEU HD21 H N N 201 
LEU HD22 H N N 202 
LEU HD23 H N N 203 
LEU HXT  H N N 204 
LYS N    N N N 205 
LYS CA   C N S 206 
LYS C    C N N 207 
LYS O    O N N 208 
LYS CB   C N N 209 
LYS CG   C N N 210 
LYS CD   C N N 211 
LYS CE   C N N 212 
LYS NZ   N N N 213 
LYS OXT  O N N 214 
LYS H    H N N 215 
LYS H2   H N N 216 
LYS HA   H N N 217 
LYS HB2  H N N 218 
LYS HB3  H N N 219 
LYS HG2  H N N 220 
LYS HG3  H N N 221 
LYS HD2  H N N 222 
LYS HD3  H N N 223 
LYS HE2  H N N 224 
LYS HE3  H N N 225 
LYS HZ1  H N N 226 
LYS HZ2  H N N 227 
LYS HZ3  H N N 228 
LYS HXT  H N N 229 
MET N    N N N 230 
MET CA   C N S 231 
MET C    C N N 232 
MET O    O N N 233 
MET CB   C N N 234 
MET CG   C N N 235 
MET SD   S N N 236 
MET CE   C N N 237 
MET OXT  O N N 238 
MET H    H N N 239 
MET H2   H N N 240 
MET HA   H N N 241 
MET HB2  H N N 242 
MET HB3  H N N 243 
MET HG2  H N N 244 
MET HG3  H N N 245 
MET HE1  H N N 246 
MET HE2  H N N 247 
MET HE3  H N N 248 
MET HXT  H N N 249 
PHE N    N N N 250 
PHE CA   C N S 251 
PHE C    C N N 252 
PHE O    O N N 253 
PHE CB   C N N 254 
PHE CG   C Y N 255 
PHE CD1  C Y N 256 
PHE CD2  C Y N 257 
PHE CE1  C Y N 258 
PHE CE2  C Y N 259 
PHE CZ   C Y N 260 
PHE OXT  O N N 261 
PHE H    H N N 262 
PHE H2   H N N 263 
PHE HA   H N N 264 
PHE HB2  H N N 265 
PHE HB3  H N N 266 
PHE HD1  H N N 267 
PHE HD2  H N N 268 
PHE HE1  H N N 269 
PHE HE2  H N N 270 
PHE HZ   H N N 271 
PHE HXT  H N N 272 
PRO N    N N N 273 
PRO CA   C N S 274 
PRO C    C N N 275 
PRO O    O N N 276 
PRO CB   C N N 277 
PRO CG   C N N 278 
PRO CD   C N N 279 
PRO OXT  O N N 280 
PRO H    H N N 281 
PRO HA   H N N 282 
PRO HB2  H N N 283 
PRO HB3  H N N 284 
PRO HG2  H N N 285 
PRO HG3  H N N 286 
PRO HD2  H N N 287 
PRO HD3  H N N 288 
PRO HXT  H N N 289 
SER N    N N N 290 
SER CA   C N S 291 
SER C    C N N 292 
SER O    O N N 293 
SER CB   C N N 294 
SER OG   O N N 295 
SER OXT  O N N 296 
SER H    H N N 297 
SER H2   H N N 298 
SER HA   H N N 299 
SER HB2  H N N 300 
SER HB3  H N N 301 
SER HG   H N N 302 
SER HXT  H N N 303 
THR N    N N N 304 
THR CA   C N S 305 
THR C    C N N 306 
THR O    O N N 307 
THR CB   C N R 308 
THR OG1  O N N 309 
THR CG2  C N N 310 
THR OXT  O N N 311 
THR H    H N N 312 
THR H2   H N N 313 
THR HA   H N N 314 
THR HB   H N N 315 
THR HG1  H N N 316 
THR HG21 H N N 317 
THR HG22 H N N 318 
THR HG23 H N N 319 
THR HXT  H N N 320 
TRP N    N N N 321 
TRP CA   C N S 322 
TRP C    C N N 323 
TRP O    O N N 324 
TRP CB   C N N 325 
TRP CG   C Y N 326 
TRP CD1  C Y N 327 
TRP CD2  C Y N 328 
TRP NE1  N Y N 329 
TRP CE2  C Y N 330 
TRP CE3  C Y N 331 
TRP CZ2  C Y N 332 
TRP CZ3  C Y N 333 
TRP CH2  C Y N 334 
TRP OXT  O N N 335 
TRP H    H N N 336 
TRP H2   H N N 337 
TRP HA   H N N 338 
TRP HB2  H N N 339 
TRP HB3  H N N 340 
TRP HD1  H N N 341 
TRP HE1  H N N 342 
TRP HE3  H N N 343 
TRP HZ2  H N N 344 
TRP HZ3  H N N 345 
TRP HH2  H N N 346 
TRP HXT  H N N 347 
TYR N    N N N 348 
TYR CA   C N S 349 
TYR C    C N N 350 
TYR O    O N N 351 
TYR CB   C N N 352 
TYR CG   C Y N 353 
TYR CD1  C Y N 354 
TYR CD2  C Y N 355 
TYR CE1  C Y N 356 
TYR CE2  C Y N 357 
TYR CZ   C Y N 358 
TYR OH   O N N 359 
TYR OXT  O N N 360 
TYR H    H N N 361 
TYR H2   H N N 362 
TYR HA   H N N 363 
TYR HB2  H N N 364 
TYR HB3  H N N 365 
TYR HD1  H N N 366 
TYR HD2  H N N 367 
TYR HE1  H N N 368 
TYR HE2  H N N 369 
TYR HH   H N N 370 
TYR HXT  H N N 371 
VAL N    N N N 372 
VAL CA   C N S 373 
VAL C    C N N 374 
VAL O    O N N 375 
VAL CB   C N N 376 
VAL CG1  C N N 377 
VAL CG2  C N N 378 
VAL OXT  O N N 379 
VAL H    H N N 380 
VAL H2   H N N 381 
VAL HA   H N N 382 
VAL HB   H N N 383 
VAL HG11 H N N 384 
VAL HG12 H N N 385 
VAL HG13 H N N 386 
VAL HG21 H N N 387 
VAL HG22 H N N 388 
VAL HG23 H N N 389 
VAL HXT  H N N 390 
# 
loop_
_chem_comp_bond.comp_id 
_chem_comp_bond.atom_id_1 
_chem_comp_bond.atom_id_2 
_chem_comp_bond.value_order 
_chem_comp_bond.pdbx_aromatic_flag 
_chem_comp_bond.pdbx_stereo_config 
_chem_comp_bond.pdbx_ordinal 
ALA N   CA   sing N N 1   
ALA N   H    sing N N 2   
ALA N   H2   sing N N 3   
ALA CA  C    sing N N 4   
ALA CA  CB   sing N N 5   
ALA CA  HA   sing N N 6   
ALA C   O    doub N N 7   
ALA C   OXT  sing N N 8   
ALA CB  HB1  sing N N 9   
ALA CB  HB2  sing N N 10  
ALA CB  HB3  sing N N 11  
ALA OXT HXT  sing N N 12  
ARG N   CA   sing N N 13  
ARG N   H    sing N N 14  
ARG N   H2   sing N N 15  
ARG CA  C    sing N N 16  
ARG CA  CB   sing N N 17  
ARG CA  HA   sing N N 18  
ARG C   O    doub N N 19  
ARG C   OXT  sing N N 20  
ARG CB  CG   sing N N 21  
ARG CB  HB2  sing N N 22  
ARG CB  HB3  sing N N 23  
ARG CG  CD   sing N N 24  
ARG CG  HG2  sing N N 25  
ARG CG  HG3  sing N N 26  
ARG CD  NE   sing N N 27  
ARG CD  HD2  sing N N 28  
ARG CD  HD3  sing N N 29  
ARG NE  CZ   sing N N 30  
ARG NE  HE   sing N N 31  
ARG CZ  NH1  sing N N 32  
ARG CZ  NH2  doub N N 33  
ARG NH1 HH11 sing N N 34  
ARG NH1 HH12 sing N N 35  
ARG NH2 HH21 sing N N 36  
ARG NH2 HH22 sing N N 37  
ARG OXT HXT  sing N N 38  
ASN N   CA   sing N N 39  
ASN N   H    sing N N 40  
ASN N   H2   sing N N 41  
ASN CA  C    sing N N 42  
ASN CA  CB   sing N N 43  
ASN CA  HA   sing N N 44  
ASN C   O    doub N N 45  
ASN C   OXT  sing N N 46  
ASN CB  CG   sing N N 47  
ASN CB  HB2  sing N N 48  
ASN CB  HB3  sing N N 49  
ASN CG  OD1  doub N N 50  
ASN CG  ND2  sing N N 51  
ASN ND2 HD21 sing N N 52  
ASN ND2 HD22 sing N N 53  
ASN OXT HXT  sing N N 54  
ASP N   CA   sing N N 55  
ASP N   H    sing N N 56  
ASP N   H2   sing N N 57  
ASP CA  C    sing N N 58  
ASP CA  CB   sing N N 59  
ASP CA  HA   sing N N 60  
ASP C   O    doub N N 61  
ASP C   OXT  sing N N 62  
ASP CB  CG   sing N N 63  
ASP CB  HB2  sing N N 64  
ASP CB  HB3  sing N N 65  
ASP CG  OD1  doub N N 66  
ASP CG  OD2  sing N N 67  
ASP OD2 HD2  sing N N 68  
ASP OXT HXT  sing N N 69  
CYS N   CA   sing N N 70  
CYS N   H    sing N N 71  
CYS N   H2   sing N N 72  
CYS CA  C    sing N N 73  
CYS CA  CB   sing N N 74  
CYS CA  HA   sing N N 75  
CYS C   O    doub N N 76  
CYS C   OXT  sing N N 77  
CYS CB  SG   sing N N 78  
CYS CB  HB2  sing N N 79  
CYS CB  HB3  sing N N 80  
CYS SG  HG   sing N N 81  
CYS OXT HXT  sing N N 82  
GLN N   CA   sing N N 83  
GLN N   H    sing N N 84  
GLN N   H2   sing N N 85  
GLN CA  C    sing N N 86  
GLN CA  CB   sing N N 87  
GLN CA  HA   sing N N 88  
GLN C   O    doub N N 89  
GLN C   OXT  sing N N 90  
GLN CB  CG   sing N N 91  
GLN CB  HB2  sing N N 92  
GLN CB  HB3  sing N N 93  
GLN CG  CD   sing N N 94  
GLN CG  HG2  sing N N 95  
GLN CG  HG3  sing N N 96  
GLN CD  OE1  doub N N 97  
GLN CD  NE2  sing N N 98  
GLN NE2 HE21 sing N N 99  
GLN NE2 HE22 sing N N 100 
GLN OXT HXT  sing N N 101 
GLU N   CA   sing N N 102 
GLU N   H    sing N N 103 
GLU N   H2   sing N N 104 
GLU CA  C    sing N N 105 
GLU CA  CB   sing N N 106 
GLU CA  HA   sing N N 107 
GLU C   O    doub N N 108 
GLU C   OXT  sing N N 109 
GLU CB  CG   sing N N 110 
GLU CB  HB2  sing N N 111 
GLU CB  HB3  sing N N 112 
GLU CG  CD   sing N N 113 
GLU CG  HG2  sing N N 114 
GLU CG  HG3  sing N N 115 
GLU CD  OE1  doub N N 116 
GLU CD  OE2  sing N N 117 
GLU OE2 HE2  sing N N 118 
GLU OXT HXT  sing N N 119 
GLY N   CA   sing N N 120 
GLY N   H    sing N N 121 
GLY N   H2   sing N N 122 
GLY CA  C    sing N N 123 
GLY CA  HA2  sing N N 124 
GLY CA  HA3  sing N N 125 
GLY C   O    doub N N 126 
GLY C   OXT  sing N N 127 
GLY OXT HXT  sing N N 128 
HIS N   CA   sing N N 129 
HIS N   H    sing N N 130 
HIS N   H2   sing N N 131 
HIS CA  C    sing N N 132 
HIS CA  CB   sing N N 133 
HIS CA  HA   sing N N 134 
HIS C   O    doub N N 135 
HIS C   OXT  sing N N 136 
HIS CB  CG   sing N N 137 
HIS CB  HB2  sing N N 138 
HIS CB  HB3  sing N N 139 
HIS CG  ND1  sing Y N 140 
HIS CG  CD2  doub Y N 141 
HIS ND1 CE1  doub Y N 142 
HIS ND1 HD1  sing N N 143 
HIS CD2 NE2  sing Y N 144 
HIS CD2 HD2  sing N N 145 
HIS CE1 NE2  sing Y N 146 
HIS CE1 HE1  sing N N 147 
HIS NE2 HE2  sing N N 148 
HIS OXT HXT  sing N N 149 
HOH O   H1   sing N N 150 
HOH O   H2   sing N N 151 
ILE N   CA   sing N N 152 
ILE N   H    sing N N 153 
ILE N   H2   sing N N 154 
ILE CA  C    sing N N 155 
ILE CA  CB   sing N N 156 
ILE CA  HA   sing N N 157 
ILE C   O    doub N N 158 
ILE C   OXT  sing N N 159 
ILE CB  CG1  sing N N 160 
ILE CB  CG2  sing N N 161 
ILE CB  HB   sing N N 162 
ILE CG1 CD1  sing N N 163 
ILE CG1 HG12 sing N N 164 
ILE CG1 HG13 sing N N 165 
ILE CG2 HG21 sing N N 166 
ILE CG2 HG22 sing N N 167 
ILE CG2 HG23 sing N N 168 
ILE CD1 HD11 sing N N 169 
ILE CD1 HD12 sing N N 170 
ILE CD1 HD13 sing N N 171 
ILE OXT HXT  sing N N 172 
LEU N   CA   sing N N 173 
LEU N   H    sing N N 174 
LEU N   H2   sing N N 175 
LEU CA  C    sing N N 176 
LEU CA  CB   sing N N 177 
LEU CA  HA   sing N N 178 
LEU C   O    doub N N 179 
LEU C   OXT  sing N N 180 
LEU CB  CG   sing N N 181 
LEU CB  HB2  sing N N 182 
LEU CB  HB3  sing N N 183 
LEU CG  CD1  sing N N 184 
LEU CG  CD2  sing N N 185 
LEU CG  HG   sing N N 186 
LEU CD1 HD11 sing N N 187 
LEU CD1 HD12 sing N N 188 
LEU CD1 HD13 sing N N 189 
LEU CD2 HD21 sing N N 190 
LEU CD2 HD22 sing N N 191 
LEU CD2 HD23 sing N N 192 
LEU OXT HXT  sing N N 193 
LYS N   CA   sing N N 194 
LYS N   H    sing N N 195 
LYS N   H2   sing N N 196 
LYS CA  C    sing N N 197 
LYS CA  CB   sing N N 198 
LYS CA  HA   sing N N 199 
LYS C   O    doub N N 200 
LYS C   OXT  sing N N 201 
LYS CB  CG   sing N N 202 
LYS CB  HB2  sing N N 203 
LYS CB  HB3  sing N N 204 
LYS CG  CD   sing N N 205 
LYS CG  HG2  sing N N 206 
LYS CG  HG3  sing N N 207 
LYS CD  CE   sing N N 208 
LYS CD  HD2  sing N N 209 
LYS CD  HD3  sing N N 210 
LYS CE  NZ   sing N N 211 
LYS CE  HE2  sing N N 212 
LYS CE  HE3  sing N N 213 
LYS NZ  HZ1  sing N N 214 
LYS NZ  HZ2  sing N N 215 
LYS NZ  HZ3  sing N N 216 
LYS OXT HXT  sing N N 217 
MET N   CA   sing N N 218 
MET N   H    sing N N 219 
MET N   H2   sing N N 220 
MET CA  C    sing N N 221 
MET CA  CB   sing N N 222 
MET CA  HA   sing N N 223 
MET C   O    doub N N 224 
MET C   OXT  sing N N 225 
MET CB  CG   sing N N 226 
MET CB  HB2  sing N N 227 
MET CB  HB3  sing N N 228 
MET CG  SD   sing N N 229 
MET CG  HG2  sing N N 230 
MET CG  HG3  sing N N 231 
MET SD  CE   sing N N 232 
MET CE  HE1  sing N N 233 
MET CE  HE2  sing N N 234 
MET CE  HE3  sing N N 235 
MET OXT HXT  sing N N 236 
PHE N   CA   sing N N 237 
PHE N   H    sing N N 238 
PHE N   H2   sing N N 239 
PHE CA  C    sing N N 240 
PHE CA  CB   sing N N 241 
PHE CA  HA   sing N N 242 
PHE C   O    doub N N 243 
PHE C   OXT  sing N N 244 
PHE CB  CG   sing N N 245 
PHE CB  HB2  sing N N 246 
PHE CB  HB3  sing N N 247 
PHE CG  CD1  doub Y N 248 
PHE CG  CD2  sing Y N 249 
PHE CD1 CE1  sing Y N 250 
PHE CD1 HD1  sing N N 251 
PHE CD2 CE2  doub Y N 252 
PHE CD2 HD2  sing N N 253 
PHE CE1 CZ   doub Y N 254 
PHE CE1 HE1  sing N N 255 
PHE CE2 CZ   sing Y N 256 
PHE CE2 HE2  sing N N 257 
PHE CZ  HZ   sing N N 258 
PHE OXT HXT  sing N N 259 
PRO N   CA   sing N N 260 
PRO N   CD   sing N N 261 
PRO N   H    sing N N 262 
PRO CA  C    sing N N 263 
PRO CA  CB   sing N N 264 
PRO CA  HA   sing N N 265 
PRO C   O    doub N N 266 
PRO C   OXT  sing N N 267 
PRO CB  CG   sing N N 268 
PRO CB  HB2  sing N N 269 
PRO CB  HB3  sing N N 270 
PRO CG  CD   sing N N 271 
PRO CG  HG2  sing N N 272 
PRO CG  HG3  sing N N 273 
PRO CD  HD2  sing N N 274 
PRO CD  HD3  sing N N 275 
PRO OXT HXT  sing N N 276 
SER N   CA   sing N N 277 
SER N   H    sing N N 278 
SER N   H2   sing N N 279 
SER CA  C    sing N N 280 
SER CA  CB   sing N N 281 
SER CA  HA   sing N N 282 
SER C   O    doub N N 283 
SER C   OXT  sing N N 284 
SER CB  OG   sing N N 285 
SER CB  HB2  sing N N 286 
SER CB  HB3  sing N N 287 
SER OG  HG   sing N N 288 
SER OXT HXT  sing N N 289 
THR N   CA   sing N N 290 
THR N   H    sing N N 291 
THR N   H2   sing N N 292 
THR CA  C    sing N N 293 
THR CA  CB   sing N N 294 
THR CA  HA   sing N N 295 
THR C   O    doub N N 296 
THR C   OXT  sing N N 297 
THR CB  OG1  sing N N 298 
THR CB  CG2  sing N N 299 
THR CB  HB   sing N N 300 
THR OG1 HG1  sing N N 301 
THR CG2 HG21 sing N N 302 
THR CG2 HG22 sing N N 303 
THR CG2 HG23 sing N N 304 
THR OXT HXT  sing N N 305 
TRP N   CA   sing N N 306 
TRP N   H    sing N N 307 
TRP N   H2   sing N N 308 
TRP CA  C    sing N N 309 
TRP CA  CB   sing N N 310 
TRP CA  HA   sing N N 311 
TRP C   O    doub N N 312 
TRP C   OXT  sing N N 313 
TRP CB  CG   sing N N 314 
TRP CB  HB2  sing N N 315 
TRP CB  HB3  sing N N 316 
TRP CG  CD1  doub Y N 317 
TRP CG  CD2  sing Y N 318 
TRP CD1 NE1  sing Y N 319 
TRP CD1 HD1  sing N N 320 
TRP CD2 CE2  doub Y N 321 
TRP CD2 CE3  sing Y N 322 
TRP NE1 CE2  sing Y N 323 
TRP NE1 HE1  sing N N 324 
TRP CE2 CZ2  sing Y N 325 
TRP CE3 CZ3  doub Y N 326 
TRP CE3 HE3  sing N N 327 
TRP CZ2 CH2  doub Y N 328 
TRP CZ2 HZ2  sing N N 329 
TRP CZ3 CH2  sing Y N 330 
TRP CZ3 HZ3  sing N N 331 
TRP CH2 HH2  sing N N 332 
TRP OXT HXT  sing N N 333 
TYR N   CA   sing N N 334 
TYR N   H    sing N N 335 
TYR N   H2   sing N N 336 
TYR CA  C    sing N N 337 
TYR CA  CB   sing N N 338 
TYR CA  HA   sing N N 339 
TYR C   O    doub N N 340 
TYR C   OXT  sing N N 341 
TYR CB  CG   sing N N 342 
TYR CB  HB2  sing N N 343 
TYR CB  HB3  sing N N 344 
TYR CG  CD1  doub Y N 345 
TYR CG  CD2  sing Y N 346 
TYR CD1 CE1  sing Y N 347 
TYR CD1 HD1  sing N N 348 
TYR CD2 CE2  doub Y N 349 
TYR CD2 HD2  sing N N 350 
TYR CE1 CZ   doub Y N 351 
TYR CE1 HE1  sing N N 352 
TYR CE2 CZ   sing Y N 353 
TYR CE2 HE2  sing N N 354 
TYR CZ  OH   sing N N 355 
TYR OH  HH   sing N N 356 
TYR OXT HXT  sing N N 357 
VAL N   CA   sing N N 358 
VAL N   H    sing N N 359 
VAL N   H2   sing N N 360 
VAL CA  C    sing N N 361 
VAL CA  CB   sing N N 362 
VAL CA  HA   sing N N 363 
VAL C   O    doub N N 364 
VAL C   OXT  sing N N 365 
VAL CB  CG1  sing N N 366 
VAL CB  CG2  sing N N 367 
VAL CB  HB   sing N N 368 
VAL CG1 HG11 sing N N 369 
VAL CG1 HG12 sing N N 370 
VAL CG1 HG13 sing N N 371 
VAL CG2 HG21 sing N N 372 
VAL CG2 HG22 sing N N 373 
VAL CG2 HG23 sing N N 374 
VAL OXT HXT  sing N N 375 
# 
_pdbx_audit_support.funding_organization   'National Research Foundation (NRF, Korea)' 
_pdbx_audit_support.country                'Korea, Republic Of' 
_pdbx_audit_support.grant_number           ? 
_pdbx_audit_support.ordinal                1 
# 
_pdbx_initial_refinement_model.id               1 
_pdbx_initial_refinement_model.entity_id_list   ? 
_pdbx_initial_refinement_model.type             'in silico model' 
_pdbx_initial_refinement_model.source_name      AlphaFold 
_pdbx_initial_refinement_model.accession_code   ? 
_pdbx_initial_refinement_model.details          ? 
# 
_atom_sites.entry_id                    9KJ9 
_atom_sites.Cartn_transf_matrix[1][1]   ? 
_atom_sites.Cartn_transf_matrix[1][2]   ? 
_atom_sites.Cartn_transf_matrix[1][3]   ? 
_atom_sites.Cartn_transf_matrix[2][1]   ? 
_atom_sites.Cartn_transf_matrix[2][2]   ? 
_atom_sites.Cartn_transf_matrix[2][3]   ? 
_atom_sites.Cartn_transf_matrix[3][1]   ? 
_atom_sites.Cartn_transf_matrix[3][2]   ? 
_atom_sites.Cartn_transf_matrix[3][3]   ? 
_atom_sites.Cartn_transf_vector[1]      ? 
_atom_sites.Cartn_transf_vector[2]      ? 
_atom_sites.Cartn_transf_vector[3]      ? 
_atom_sites.Cartn_transform_axes        ? 
_atom_sites.fract_transf_matrix[1][1]   0.01209568 
_atom_sites.fract_transf_matrix[1][2]   -0.00621924 
_atom_sites.fract_transf_matrix[1][3]   0.01655045 
_atom_sites.fract_transf_matrix[2][1]   -0.00447585 
_atom_sites.fract_transf_matrix[2][2]   0.00861598 
_atom_sites.fract_transf_matrix[2][3]   0.00650879 
_atom_sites.fract_transf_matrix[3][1]   -0.01667360 
_atom_sites.fract_transf_matrix[3][2]   -0.01391656 
_atom_sites.fract_transf_matrix[3][3]   0.00695619 
_atom_sites.fract_transf_vector[1]      -0.147144 
_atom_sites.fract_transf_vector[2]      -0.148198 
_atom_sites.fract_transf_vector[3]      0.048717 
_atom_sites.solution_primary            ? 
_atom_sites.solution_secondary          ? 
_atom_sites.solution_hydrogens          ? 
_atom_sites.special_details             ? 
# 
loop_
_atom_type.symbol 
C 
N 
O 
S 
# 
loop_
_atom_site.group_PDB 
_atom_site.id 
_atom_site.type_symbol 
_atom_site.label_atom_id 
_atom_site.label_alt_id 
_atom_site.label_comp_id 
_atom_site.label_asym_id 
_atom_site.label_entity_id 
_atom_site.label_seq_id 
_atom_site.pdbx_PDB_ins_code 
_atom_site.Cartn_x 
_atom_site.Cartn_y 
_atom_site.Cartn_z 
_atom_site.occupancy 
_atom_site.B_iso_or_equiv 
_atom_site.pdbx_formal_charge 
_atom_site.auth_seq_id 
_atom_site.auth_comp_id 
_atom_site.auth_asym_id 
_atom_site.auth_atom_id 
_atom_site.pdbx_PDB_model_num 
ATOM   1   N N   . LYS A 1 4  ? 10.915  9.975   14.306  1.00 56.60 ? 4   LYS A N   1 
ATOM   2   C CA  . LYS A 1 4  ? 9.658   10.174  15.025  1.00 54.84 ? 4   LYS A CA  1 
ATOM   3   C C   . LYS A 1 4  ? 8.588   9.216   14.474  1.00 59.87 ? 4   LYS A C   1 
ATOM   4   O O   . LYS A 1 4  ? 8.822   8.011   14.348  1.00 63.30 ? 4   LYS A O   1 
ATOM   5   C CB  . LYS A 1 4  ? 9.223   11.636  14.896  1.00 44.29 ? 4   LYS A CB  1 
ATOM   6   C CG  . LYS A 1 4  ? 9.929   12.321  13.736  1.00 44.45 ? 4   LYS A CG  1 
ATOM   7   C CD  . LYS A 1 4  ? 9.848   13.828  13.791  1.00 44.80 ? 4   LYS A CD  1 
ATOM   8   C CE  . LYS A 1 4  ? 11.017  14.441  13.023  1.00 43.34 ? 4   LYS A CE  1 
ATOM   9   N NZ  . LYS A 1 4  ? 10.932  15.920  12.890  1.00 27.77 ? 4   LYS A NZ  1 
ATOM   10  N N   . VAL A 1 5  ? 7.416   9.767   14.157  1.00 48.10 ? 5   VAL A N   1 
ATOM   11  C CA  . VAL A 1 5  ? 6.388   9.086   13.388  1.00 37.95 ? 5   VAL A CA  1 
ATOM   12  C C   . VAL A 1 5  ? 6.473   9.568   11.945  1.00 44.95 ? 5   VAL A C   1 
ATOM   13  O O   . VAL A 1 5  ? 6.924   10.694  11.654  1.00 48.72 ? 5   VAL A O   1 
ATOM   14  C CB  . VAL A 1 5  ? 4.990   9.345   13.995  1.00 47.57 ? 5   VAL A CB  1 
ATOM   15  C CG1 . VAL A 1 5  ? 4.687   10.855  14.062  1.00 30.31 ? 5   VAL A CG1 1 
ATOM   16  C CG2 . VAL A 1 5  ? 3.897   8.577   13.231  1.00 48.01 ? 5   VAL A CG2 1 
ATOM   17  N N   . LYS A 1 6  ? 6.057   8.708   11.025  1.00 38.54 ? 6   LYS A N   1 
ATOM   18  C CA  . LYS A 1 6  ? 6.043   9.038   9.613   1.00 36.95 ? 6   LYS A CA  1 
ATOM   19  C C   . LYS A 1 6  ? 4.625   8.965   9.064   1.00 34.15 ? 6   LYS A C   1 
ATOM   20  O O   . LYS A 1 6  ? 3.837   8.082   9.439   1.00 34.06 ? 6   LYS A O   1 
ATOM   21  C CB  . LYS A 1 6  ? 6.967   8.104   8.812   1.00 45.40 ? 6   LYS A CB  1 
ATOM   22  C CG  . LYS A 1 6  ? 8.460   8.465   8.858   1.00 53.57 ? 6   LYS A CG  1 
ATOM   23  C CD  . LYS A 1 6  ? 9.283   7.487   8.015   1.00 60.79 ? 6   LYS A CD  1 
ATOM   24  C CE  . LYS A 1 6  ? 9.570   6.173   8.767   1.00 64.05 ? 6   LYS A CE  1 
ATOM   25  N NZ  . LYS A 1 6  ? 10.870  5.543   8.346   1.00 67.70 ? 6   LYS A NZ  1 
ATOM   26  N N   . SER A 1 7  ? 4.305   9.899   8.179   1.00 29.04 ? 7   SER A N   1 
ATOM   27  C CA  . SER A 1 7  ? 3.076   9.786   7.414   1.00 36.47 ? 7   SER A CA  1 
ATOM   28  C C   . SER A 1 7  ? 3.243   8.730   6.315   1.00 37.04 ? 7   SER A C   1 
ATOM   29  O O   . SER A 1 7  ? 4.361   8.333   5.963   1.00 34.50 ? 7   SER A O   1 
ATOM   30  C CB  . SER A 1 7  ? 2.685   11.151  6.830   1.00 30.24 ? 7   SER A CB  1 
ATOM   31  O OG  . SER A 1 7  ? 3.569   11.551  5.806   1.00 35.87 ? 7   SER A OG  1 
ATOM   32  N N   . ILE A 1 8  ? 2.113   8.260   5.784   1.00 38.82 ? 8   ILE A N   1 
ATOM   33  C CA  . ILE A 1 8  ? 2.127   7.159   4.817   1.00 37.26 ? 8   ILE A CA  1 
ATOM   34  C C   . ILE A 1 8  ? 2.687   7.655   3.485   1.00 36.90 ? 8   ILE A C   1 
ATOM   35  O O   . ILE A 1 8  ? 2.101   8.541   2.853   1.00 35.54 ? 8   ILE A O   1 
ATOM   36  C CB  . ILE A 1 8  ? 0.716   6.575   4.635   1.00 32.70 ? 8   ILE A CB  1 
ATOM   37  C CG1 . ILE A 1 8  ? 0.116   6.193   5.992   1.00 34.86 ? 8   ILE A CG1 1 
ATOM   38  C CG2 . ILE A 1 8  ? 0.745   5.374   3.690   1.00 31.67 ? 8   ILE A CG2 1 
ATOM   39  C CD1 . ILE A 1 8  ? -1.245  5.509   5.903   1.00 30.17 ? 8   ILE A CD1 1 
ATOM   40  N N   . GLN A 1 9  ? 3.829   7.085   3.048   1.00 32.22 ? 9   GLN A N   1 
ATOM   41  C CA  . GLN A 1 9  ? 4.361   7.417   1.723   1.00 36.45 ? 9   GLN A CA  1 
ATOM   42  C C   . GLN A 1 9  ? 4.479   6.164   0.856   1.00 29.05 ? 9   GLN A C   1 
ATOM   43  O O   . GLN A 1 9  ? 4.660   5.063   1.379   1.00 33.55 ? 9   GLN A O   1 
ATOM   44  C CB  . GLN A 1 9  ? 5.744   8.099   1.782   1.00 41.38 ? 9   GLN A CB  1 
ATOM   45  C CG  . GLN A 1 9  ? 5.863   9.291   2.706   1.00 36.42 ? 9   GLN A CG  1 
ATOM   46  C CD  . GLN A 1 9  ? 4.933   10.408  2.309   1.00 49.10 ? 9   GLN A CD  1 
ATOM   47  O OE1 . GLN A 1 9  ? 4.318   11.042  3.170   1.00 59.35 ? 9   GLN A OE1 1 
ATOM   48  N NE2 . GLN A 1 9  ? 4.814   10.658  1.005   1.00 49.55 ? 9   GLN A NE2 1 
ATOM   49  N N   . PRO A 1 10 ? 4.412   6.306   -0.470  1.00 33.13 ? 10  PRO A N   1 
ATOM   50  C CA  . PRO A 1 10 ? 4.629   5.151   -1.362  1.00 34.02 ? 10  PRO A CA  1 
ATOM   51  C C   . PRO A 1 10 ? 6.043   4.604   -1.257  1.00 30.74 ? 10  PRO A C   1 
ATOM   52  O O   . PRO A 1 10 ? 6.970   5.220   -0.720  1.00 31.28 ? 10  PRO A O   1 
ATOM   53  C CB  . PRO A 1 10 ? 4.366   5.702   -2.772  1.00 33.04 ? 10  PRO A CB  1 
ATOM   54  C CG  . PRO A 1 10 ? 3.825   7.088   -2.580  1.00 42.10 ? 10  PRO A CG  1 
ATOM   55  C CD  . PRO A 1 10 ? 4.245   7.562   -1.225  1.00 38.60 ? 10  PRO A CD  1 
ATOM   56  N N   . GLY A 1 11 ? 6.204   3.405   -1.785  1.00 31.03 ? 11  GLY A N   1 
ATOM   57  C CA  . GLY A 1 11 ? 7.453   2.707   -1.669  1.00 26.36 ? 11  GLY A CA  1 
ATOM   58  C C   . GLY A 1 11 ? 7.240   1.230   -1.469  1.00 31.38 ? 11  GLY A C   1 
ATOM   59  O O   . GLY A 1 11 ? 6.114   0.712   -1.511  1.00 29.73 ? 11  GLY A O   1 
ATOM   60  N N   . PRO A 1 12 ? 8.347   0.521   -1.245  1.00 35.11 ? 12  PRO A N   1 
ATOM   61  C CA  . PRO A 1 12 ? 8.261   -0.938  -1.056  1.00 31.14 ? 12  PRO A CA  1 
ATOM   62  C C   . PRO A 1 12 ? 7.340   -1.356  0.081   1.00 31.58 ? 12  PRO A C   1 
ATOM   63  O O   . PRO A 1 12 ? 6.528   -2.281  -0.082  1.00 32.50 ? 12  PRO A O   1 
ATOM   64  C CB  . PRO A 1 12 ? 9.719   -1.320  -0.785  1.00 29.69 ? 12  PRO A CB  1 
ATOM   65  C CG  . PRO A 1 12 ? 10.516  -0.218  -1.402  1.00 37.35 ? 12  PRO A CG  1 
ATOM   66  C CD  . PRO A 1 12 ? 9.730   1.017   -1.188  1.00 32.91 ? 12  PRO A CD  1 
ATOM   67  N N   . ILE A 1 13 ? 7.455   -0.695  1.236   1.00 32.72 ? 13  ILE A N   1 
ATOM   68  C CA  . ILE A 1 13 ? 6.667   -1.066  2.410   1.00 34.29 ? 13  ILE A CA  1 
ATOM   69  C C   . ILE A 1 13 ? 5.192   -0.770  2.182   1.00 32.18 ? 13  ILE A C   1 
ATOM   70  O O   . ILE A 1 13 ? 4.323   -1.579  2.540   1.00 31.42 ? 13  ILE A O   1 
ATOM   71  C CB  . ILE A 1 13 ? 7.205   -0.346  3.663   1.00 35.45 ? 13  ILE A CB  1 
ATOM   72  C CG1 . ILE A 1 13 ? 8.653   -0.767  3.904   1.00 31.41 ? 13  ILE A CG1 1 
ATOM   73  C CG2 . ILE A 1 13 ? 6.349   -0.676  4.893   1.00 27.13 ? 13  ILE A CG2 1 
ATOM   74  C CD1 . ILE A 1 13 ? 8.808   -2.293  3.906   1.00 40.72 ? 13  ILE A CD1 1 
ATOM   75  N N   . PHE A 1 14 ? 4.886   0.387   1.584   1.00 27.18 ? 14  PHE A N   1 
ATOM   76  C CA  . PHE A 1 14 ? 3.508   0.686   1.220   1.00 26.83 ? 14  PHE A CA  1 
ATOM   77  C C   . PHE A 1 14 ? 2.914   -0.472  0.444   1.00 30.94 ? 14  PHE A C   1 
ATOM   78  O O   . PHE A 1 14 ? 1.828   -0.969  0.772   1.00 27.51 ? 14  PHE A O   1 
ATOM   79  C CB  . PHE A 1 14 ? 3.433   1.973   0.396   1.00 27.80 ? 14  PHE A CB  1 
ATOM   80  C CG  . PHE A 1 14 ? 2.023   2.437   0.098   1.00 28.99 ? 14  PHE A CG  1 
ATOM   81  C CD1 . PHE A 1 14 ? 1.271   1.846   -0.884  1.00 28.27 ? 14  PHE A CD1 1 
ATOM   82  C CD2 . PHE A 1 14 ? 1.467   3.494   0.789   1.00 31.41 ? 14  PHE A CD2 1 
ATOM   83  C CE1 . PHE A 1 14 ? -0.005  2.292   -1.153  1.00 30.15 ? 14  PHE A CE1 1 
ATOM   84  C CE2 . PHE A 1 14 ? 0.188   3.941   0.512   1.00 33.48 ? 14  PHE A CE2 1 
ATOM   85  C CZ  . PHE A 1 14 ? -0.548  3.336   -0.455  1.00 32.84 ? 14  PHE A CZ  1 
ATOM   86  N N   . TYR A 1 15 ? 3.648   -0.947  -0.563  1.00 30.44 ? 15  TYR A N   1 
ATOM   87  C CA  . TYR A 1 15 ? 3.114   -1.975  -1.442  1.00 31.00 ? 15  TYR A CA  1 
ATOM   88  C C   . TYR A 1 15 ? 2.917   -3.299  -0.703  1.00 31.44 ? 15  TYR A C   1 
ATOM   89  O O   . TYR A 1 15 ? 1.862   -3.940  -0.827  1.00 29.32 ? 15  TYR A O   1 
ATOM   90  C CB  . TYR A 1 15 ? 4.022   -2.142  -2.658  1.00 30.18 ? 15  TYR A CB  1 
ATOM   91  C CG  . TYR A 1 15 ? 3.589   -3.263  -3.556  1.00 29.48 ? 15  TYR A CG  1 
ATOM   92  C CD1 . TYR A 1 15 ? 2.312   -3.276  -4.117  1.00 28.21 ? 15  TYR A CD1 1 
ATOM   93  C CD2 . TYR A 1 15 ? 4.446   -4.322  -3.824  1.00 31.53 ? 15  TYR A CD2 1 
ATOM   94  C CE1 . TYR A 1 15 ? 1.910   -4.296  -4.932  1.00 31.00 ? 15  TYR A CE1 1 
ATOM   95  C CE2 . TYR A 1 15 ? 4.054   -5.346  -4.652  1.00 37.09 ? 15  TYR A CE2 1 
ATOM   96  C CZ  . TYR A 1 15 ? 2.784   -5.332  -5.197  1.00 33.33 ? 15  TYR A CZ  1 
ATOM   97  O OH  . TYR A 1 15 ? 2.402   -6.350  -6.016  1.00 39.27 ? 15  TYR A OH  1 
ATOM   98  N N   . ASP A 1 16 ? 3.899   -3.710  0.099   1.00 29.90 ? 16  ASP A N   1 
ATOM   99  C CA  . ASP A 1 16 ? 3.757   -4.973  0.819   1.00 28.01 ? 16  ASP A CA  1 
ATOM   100 C C   . ASP A 1 16 ? 2.613   -4.923  1.832   1.00 30.94 ? 16  ASP A C   1 
ATOM   101 O O   . ASP A 1 16 ? 1.837   -5.886  1.945   1.00 34.65 ? 16  ASP A O   1 
ATOM   102 C CB  . ASP A 1 16 ? 5.068   -5.340  1.506   1.00 34.93 ? 16  ASP A CB  1 
ATOM   103 C CG  . ASP A 1 16 ? 5.205   -6.841  1.740   1.00 38.97 ? 16  ASP A CG  1 
ATOM   104 O OD1 . ASP A 1 16 ? 4.829   -7.624  0.841   1.00 38.06 ? 16  ASP A OD1 1 
ATOM   105 O OD2 . ASP A 1 16 ? 5.701   -7.233  2.812   1.00 37.69 ? 16  ASP A OD2 1 
ATOM   106 N N   . VAL A 1 17 ? 2.479   -3.809  2.564   1.00 30.76 ? 17  VAL A N   1 
ATOM   107 C CA  . VAL A 1 17 ? 1.430   -3.692  3.578   1.00 29.05 ? 17  VAL A CA  1 
ATOM   108 C C   . VAL A 1 17 ? 0.051   -3.784  2.937   1.00 28.94 ? 17  VAL A C   1 
ATOM   109 O O   . VAL A 1 17 ? -0.846  -4.460  3.455   1.00 29.59 ? 17  VAL A O   1 
ATOM   110 C CB  . VAL A 1 17 ? 1.596   -2.389  4.380   1.00 26.29 ? 17  VAL A CB  1 
ATOM   111 C CG1 . VAL A 1 17 ? 0.309   -2.042  5.136   1.00 25.65 ? 17  VAL A CG1 1 
ATOM   112 C CG2 . VAL A 1 17 ? 2.753   -2.529  5.347   1.00 28.90 ? 17  VAL A CG2 1 
ATOM   113 N N   . PHE A 1 18 ? -0.136  -3.129  1.789   1.00 31.22 ? 18  PHE A N   1 
ATOM   114 C CA  . PHE A 1 18 ? -1.404  -3.251  1.082   1.00 29.36 ? 18  PHE A CA  1 
ATOM   115 C C   . PHE A 1 18 ? -1.609  -4.667  0.558   1.00 33.02 ? 18  PHE A C   1 
ATOM   116 O O   . PHE A 1 18 ? -2.675  -5.267  0.756   1.00 32.15 ? 18  PHE A O   1 
ATOM   117 C CB  . PHE A 1 18 ? -1.472  -2.261  -0.069  1.00 29.49 ? 18  PHE A CB  1 
ATOM   118 C CG  . PHE A 1 18 ? -2.751  -2.333  -0.818  1.00 30.77 ? 18  PHE A CG  1 
ATOM   119 C CD1 . PHE A 1 18 ? -3.945  -1.972  -0.200  1.00 31.10 ? 18  PHE A CD1 1 
ATOM   120 C CD2 . PHE A 1 18 ? -2.785  -2.804  -2.112  1.00 28.41 ? 18  PHE A CD2 1 
ATOM   121 C CE1 . PHE A 1 18 ? -5.151  -2.053  -0.877  1.00 34.42 ? 18  PHE A CE1 1 
ATOM   122 C CE2 . PHE A 1 18 ? -3.994  -2.878  -2.812  1.00 35.39 ? 18  PHE A CE2 1 
ATOM   123 C CZ  . PHE A 1 18 ? -5.178  -2.508  -2.192  1.00 36.41 ? 18  PHE A CZ  1 
ATOM   124 N N   . LEU A 1 19 ? -0.598  -5.205  -0.131  1.00 31.67 ? 19  LEU A N   1 
ATOM   125 C CA  . LEU A 1 19 ? -0.669  -6.558  -0.680  1.00 33.55 ? 19  LEU A CA  1 
ATOM   126 C C   . LEU A 1 19 ? -1.071  -7.567  0.386   1.00 35.89 ? 19  LEU A C   1 
ATOM   127 O O   . LEU A 1 19 ? -2.025  -8.334  0.212   1.00 33.95 ? 19  LEU A O   1 
ATOM   128 C CB  . LEU A 1 19 ? 0.684   -6.936  -1.281  1.00 30.11 ? 19  LEU A CB  1 
ATOM   129 C CG  . LEU A 1 19 ? 0.644   -7.798  -2.521  1.00 35.22 ? 19  LEU A CG  1 
ATOM   130 C CD1 . LEU A 1 19 ? -0.216  -7.115  -3.572  1.00 40.74 ? 19  LEU A CD1 1 
ATOM   131 C CD2 . LEU A 1 19 ? 2.057   -7.983  -3.015  1.00 39.32 ? 19  LEU A CD2 1 
ATOM   132 N N   . VAL A 1 20 ? -0.368  -7.546  1.523   1.00 35.70 ? 20  VAL A N   1 
ATOM   133 C CA  . VAL A 1 20 ? -0.637  -8.513  2.580   1.00 35.04 ? 20  VAL A CA  1 
ATOM   134 C C   . VAL A 1 20 ? -1.961  -8.216  3.275   1.00 38.67 ? 20  VAL A C   1 
ATOM   135 O O   . VAL A 1 20 ? -2.625  -9.137  3.766   1.00 43.39 ? 20  VAL A O   1 
ATOM   136 C CB  . VAL A 1 20 ? 0.544   -8.555  3.575   1.00 35.02 ? 20  VAL A CB  1 
ATOM   137 C CG1 . VAL A 1 20 ? 0.282   -9.575  4.646   1.00 36.26 ? 20  VAL A CG1 1 
ATOM   138 C CG2 . VAL A 1 20 ? 1.837   -8.929  2.842   1.00 30.74 ? 20  VAL A CG2 1 
ATOM   139 N N   . TYR A 1 21 ? -2.388  -6.948  3.318   1.00 36.64 ? 21  TYR A N   1 
ATOM   140 C CA  . TYR A 1 21 ? -3.705  -6.657  3.874   1.00 33.37 ? 21  TYR A CA  1 
ATOM   141 C C   . TYR A 1 21 ? -4.797  -7.344  3.067   1.00 35.22 ? 21  TYR A C   1 
ATOM   142 O O   . TYR A 1 21 ? -5.748  -7.886  3.636   1.00 36.43 ? 21  TYR A O   1 
ATOM   143 C CB  . TYR A 1 21 ? -3.980  -5.154  3.929   1.00 33.79 ? 21  TYR A CB  1 
ATOM   144 C CG  . TYR A 1 21 ? -5.418  -4.888  4.356   1.00 29.12 ? 21  TYR A CG  1 
ATOM   145 C CD1 . TYR A 1 21 ? -5.763  -4.802  5.708   1.00 35.77 ? 21  TYR A CD1 1 
ATOM   146 C CD2 . TYR A 1 21 ? -6.429  -4.766  3.416   1.00 30.32 ? 21  TYR A CD2 1 
ATOM   147 C CE1 . TYR A 1 21 ? -7.084  -4.588  6.102   1.00 35.51 ? 21  TYR A CE1 1 
ATOM   148 C CE2 . TYR A 1 21 ? -7.748  -4.563  3.793   1.00 34.12 ? 21  TYR A CE2 1 
ATOM   149 C CZ  . TYR A 1 21 ? -8.071  -4.471  5.131   1.00 39.30 ? 21  TYR A CZ  1 
ATOM   150 O OH  . TYR A 1 21 ? -9.384  -4.261  5.479   1.00 35.15 ? 21  TYR A OH  1 
ATOM   151 N N   . LEU A 1 22 ? -4.705  -7.287  1.735   1.00 34.47 ? 22  LEU A N   1 
ATOM   152 C CA  . LEU A 1 22 ? -5.664  -8.002  0.897   1.00 39.05 ? 22  LEU A CA  1 
ATOM   153 C C   . LEU A 1 22 ? -5.761  -9.466  1.323   1.00 42.61 ? 22  LEU A C   1 
ATOM   154 O O   . LEU A 1 22 ? -6.862  -10.025 1.435   1.00 35.64 ? 22  LEU A O   1 
ATOM   155 C CB  . LEU A 1 22 ? -5.256  -7.889  -0.575  1.00 35.72 ? 22  LEU A CB  1 
ATOM   156 C CG  . LEU A 1 22 ? -5.423  -6.536  -1.263  1.00 32.91 ? 22  LEU A CG  1 
ATOM   157 C CD1 . LEU A 1 22 ? -5.115  -6.641  -2.740  1.00 31.55 ? 22  LEU A CD1 1 
ATOM   158 C CD2 . LEU A 1 22 ? -6.845  -5.983  -1.029  1.00 34.00 ? 22  LEU A CD2 1 
ATOM   159 N N   . ARG A 1 23 ? -4.606  -10.073 1.628   1.00 34.70 ? 23  ARG A N   1 
ATOM   160 C CA  . ARG A 1 23 ? -4.562  -11.442 2.131   1.00 42.17 ? 23  ARG A CA  1 
ATOM   161 C C   . ARG A 1 23 ? -5.306  -11.596 3.461   1.00 43.30 ? 23  ARG A C   1 
ATOM   162 O O   . ARG A 1 23 ? -6.105  -12.528 3.607   1.00 43.11 ? 23  ARG A O   1 
ATOM   163 C CB  . ARG A 1 23 ? -3.107  -11.895 2.269   1.00 41.67 ? 23  ARG A CB  1 
ATOM   164 C CG  . ARG A 1 23 ? -2.935  -13.138 3.115   1.00 43.39 ? 23  ARG A CG  1 
ATOM   165 C CD  . ARG A 1 23 ? -3.552  -14.340 2.430   1.00 53.77 ? 23  ARG A CD  1 
ATOM   166 N NE  . ARG A 1 23 ? -3.347  -15.573 3.180   1.00 57.93 ? 23  ARG A NE  1 
ATOM   167 C CZ  . ARG A 1 23 ? -4.234  -16.098 4.020   1.00 47.49 ? 23  ARG A CZ  1 
ATOM   168 N NH1 . ARG A 1 23 ? -5.411  -15.505 4.221   1.00 45.77 ? 23  ARG A NH1 1 
ATOM   169 N NH2 . ARG A 1 23 ? -3.946  -17.224 4.654   1.00 41.46 ? 23  ARG A NH2 1 
ATOM   170 N N   . VAL A 1 24 ? -5.060  -10.707 4.441   1.00 40.82 ? 24  VAL A N   1 
ATOM   171 C CA  . VAL A 1 24 ? -5.734  -10.798 5.749   1.00 39.58 ? 24  VAL A CA  1 
ATOM   172 C C   . VAL A 1 24 ? -7.247  -10.918 5.580   1.00 41.29 ? 24  VAL A C   1 
ATOM   173 O O   . VAL A 1 24 ? -7.914  -11.702 6.276   1.00 37.13 ? 24  VAL A O   1 
ATOM   174 C CB  . VAL A 1 24 ? -5.399  -9.582  6.638   1.00 38.67 ? 24  VAL A CB  1 
ATOM   175 C CG1 . VAL A 1 24 ? -6.000  -9.755  8.034   1.00 38.72 ? 24  VAL A CG1 1 
ATOM   176 C CG2 . VAL A 1 24 ? -3.917  -9.351  6.748   1.00 36.14 ? 24  VAL A CG2 1 
ATOM   177 N N   . ILE A 1 25 ? -7.814  -10.105 4.682   1.00 37.76 ? 25  ILE A N   1 
ATOM   178 C CA  . ILE A 1 25 ? -9.257  -10.046 4.441   1.00 41.37 ? 25  ILE A CA  1 
ATOM   179 C C   . ILE A 1 25 ? -9.591  -10.918 3.239   1.00 47.41 ? 25  ILE A C   1 
ATOM   180 O O   . ILE A 1 25 ? -10.725 -10.917 2.747   1.00 47.13 ? 25  ILE A O   1 
ATOM   181 C CB  . ILE A 1 25 ? -9.745  -8.597  4.231   1.00 42.77 ? 25  ILE A CB  1 
ATOM   182 C CG1 . ILE A 1 25 ? -9.056  -7.965  3.020   1.00 36.39 ? 25  ILE A CG1 1 
ATOM   183 C CG2 . ILE A 1 25 ? -9.488  -7.774  5.478   1.00 39.72 ? 25  ILE A CG2 1 
ATOM   184 C CD1 . ILE A 1 25 ? -9.835  -6.883  2.375   1.00 38.59 ? 25  ILE A CD1 1 
ATOM   185 N N   . GLY A 1 26 ? -8.587  -11.640 2.742   1.00 49.36 ? 26  GLY A N   1 
ATOM   186 C CA  . GLY A 1 26 ? -8.808  -12.782 1.881   1.00 49.22 ? 26  GLY A CA  1 
ATOM   187 C C   . GLY A 1 26 ? -9.166  -12.526 0.434   1.00 55.69 ? 26  GLY A C   1 
ATOM   188 O O   . GLY A 1 26 ? -9.806  -13.383 -0.191  1.00 55.91 ? 26  GLY A O   1 
ATOM   189 N N   . THR A 1 27 ? -8.779  -11.385 -0.125  1.00 49.15 ? 27  THR A N   1 
ATOM   190 C CA  . THR A 1 27 ? -8.794  -11.194 -1.562  1.00 47.56 ? 27  THR A CA  1 
ATOM   191 C C   . THR A 1 27 ? -7.359  -11.372 -2.047  1.00 46.13 ? 27  THR A C   1 
ATOM   192 O O   . THR A 1 27 ? -6.502  -11.902 -1.322  1.00 44.81 ? 27  THR A O   1 
ATOM   193 C CB  . THR A 1 27 ? -9.344  -9.809  -1.945  1.00 46.70 ? 27  THR A CB  1 
ATOM   194 O OG1 . THR A 1 27 ? -10.390 -9.425  -1.050  1.00 53.19 ? 27  THR A OG1 1 
ATOM   195 C CG2 . THR A 1 27 ? -9.899  -9.824  -3.379  1.00 41.55 ? 27  THR A CG2 1 
ATOM   196 N N   . ASN A 1 28 ? -7.092  -10.888 -3.246  1.00 38.69 ? 28  ASN A N   1 
ATOM   197 C CA  . ASN A 1 28 ? -5.763  -10.874 -3.811  1.00 42.51 ? 28  ASN A CA  1 
ATOM   198 C C   . ASN A 1 28 ? -5.651  -9.599  -4.634  1.00 38.14 ? 28  ASN A C   1 
ATOM   199 O O   . ASN A 1 28 ? -6.643  -8.892  -4.842  1.00 33.51 ? 28  ASN A O   1 
ATOM   200 C CB  . ASN A 1 28 ? -5.538  -12.120 -4.653  1.00 39.16 ? 28  ASN A CB  1 
ATOM   201 C CG  . ASN A 1 28 ? -6.737  -12.443 -5.491  1.00 44.50 ? 28  ASN A CG  1 
ATOM   202 O OD1 . ASN A 1 28 ? -6.968  -11.803 -6.513  1.00 43.85 ? 28  ASN A OD1 1 
ATOM   203 N ND2 . ASN A 1 28 ? -7.515  -13.439 -5.074  1.00 43.36 ? 28  ASN A ND2 1 
ATOM   204 N N   . LEU A 1 29 ? -4.437  -9.301  -5.111  1.00 36.29 ? 29  LEU A N   1 
ATOM   205 C CA  . LEU A 1 29 ? -4.268  -8.110  -5.934  1.00 32.69 ? 29  LEU A CA  1 
ATOM   206 C C   . LEU A 1 29 ? -5.157  -8.177  -7.163  1.00 32.62 ? 29  LEU A C   1 
ATOM   207 O O   . LEU A 1 29 ? -5.861  -7.204  -7.481  1.00 24.06 ? 29  LEU A O   1 
ATOM   208 C CB  . LEU A 1 29 ? -2.805  -7.936  -6.339  1.00 33.13 ? 29  LEU A CB  1 
ATOM   209 C CG  . LEU A 1 29 ? -2.427  -6.544  -6.880  1.00 33.17 ? 29  LEU A CG  1 
ATOM   210 C CD1 . LEU A 1 29 ? -2.821  -5.454  -5.874  1.00 27.92 ? 29  LEU A CD1 1 
ATOM   211 C CD2 . LEU A 1 29 ? -0.926  -6.479  -7.226  1.00 33.32 ? 29  LEU A CD2 1 
ATOM   212 N N   . LYS A 1 30 ? -5.171  -9.345  -7.830  1.00 31.19 ? 30  LYS A N   1 
ATOM   213 C CA  . LYS A 1 30 ? -5.867  -9.505  -9.105  1.00 32.83 ? 30  LYS A CA  1 
ATOM   214 C C   . LYS A 1 30 ? -7.331  -9.117  -8.988  1.00 34.45 ? 30  LYS A C   1 
ATOM   215 O O   . LYS A 1 30 ? -7.820  -8.266  -9.745  1.00 35.74 ? 30  LYS A O   1 
ATOM   216 C CB  . LYS A 1 30 ? -5.737  -10.945 -9.612  1.00 44.08 ? 30  LYS A CB  1 
ATOM   217 C CG  . LYS A 1 30 ? -6.093  -11.102 -11.090 1.00 45.05 ? 30  LYS A CG  1 
ATOM   218 C CD  . LYS A 1 30 ? -6.413  -12.543 -11.452 1.00 56.95 ? 30  LYS A CD  1 
ATOM   219 C CE  . LYS A 1 30 ? -7.839  -12.935 -11.035 1.00 54.26 ? 30  LYS A CE  1 
ATOM   220 N NZ  . LYS A 1 30 ? -8.923  -12.543 -12.000 1.00 60.27 ? 30  LYS A NZ  1 
ATOM   221 N N   . ASP A 1 31 ? -8.041  -9.720  -8.023  1.00 36.05 ? 31  ASP A N   1 
ATOM   222 C CA  . ASP A 1 31 ? -9.468  -9.454  -7.845  1.00 39.60 ? 31  ASP A CA  1 
ATOM   223 C C   . ASP A 1 31 ? -9.720  -8.044  -7.316  1.00 34.42 ? 31  ASP A C   1 
ATOM   224 O O   . ASP A 1 31 ? -10.719 -7.418  -7.683  1.00 36.94 ? 31  ASP A O   1 
ATOM   225 C CB  . ASP A 1 31 ? -10.086 -10.509 -6.920  1.00 34.95 ? 31  ASP A CB  1 
ATOM   226 C CG  . ASP A 1 31 ? -9.917  -11.922 -7.469  1.00 44.93 ? 31  ASP A CG  1 
ATOM   227 O OD1 . ASP A 1 31 ? -9.790  -12.060 -8.710  1.00 46.73 ? 31  ASP A OD1 1 
ATOM   228 O OD2 . ASP A 1 31 ? -9.893  -12.889 -6.675  1.00 41.92 ? 31  ASP A OD2 1 
ATOM   229 N N   . TRP A 1 32 ? -8.825  -7.509  -6.474  1.00 30.11 ? 32  TRP A N   1 
ATOM   230 C CA  . TRP A 1 32 ? -8.991  -6.114  -6.067  1.00 32.40 ? 32  TRP A CA  1 
ATOM   231 C C   . TRP A 1 32 ? -8.881  -5.161  -7.256  1.00 36.45 ? 32  TRP A C   1 
ATOM   232 O O   . TRP A 1 32 ? -9.600  -4.152  -7.327  1.00 36.37 ? 32  TRP A O   1 
ATOM   233 C CB  . TRP A 1 32 ? -7.966  -5.729  -5.011  1.00 33.44 ? 32  TRP A CB  1 
ATOM   234 C CG  . TRP A 1 32 ? -8.205  -4.329  -4.517  1.00 37.44 ? 32  TRP A CG  1 
ATOM   235 C CD1 . TRP A 1 32 ? -9.091  -3.938  -3.534  1.00 32.63 ? 32  TRP A CD1 1 
ATOM   236 C CD2 . TRP A 1 32 ? -7.591  -3.127  -5.004  1.00 31.93 ? 32  TRP A CD2 1 
ATOM   237 N NE1 . TRP A 1 32 ? -9.046  -2.571  -3.382  1.00 37.29 ? 32  TRP A NE1 1 
ATOM   238 C CE2 . TRP A 1 32 ? -8.131  -2.051  -4.260  1.00 35.33 ? 32  TRP A CE2 1 
ATOM   239 C CE3 . TRP A 1 32 ? -6.620  -2.857  -5.982  1.00 37.51 ? 32  TRP A CE3 1 
ATOM   240 C CZ2 . TRP A 1 32 ? -7.728  -0.725  -4.459  1.00 35.87 ? 32  TRP A CZ2 1 
ATOM   241 C CZ3 . TRP A 1 32 ? -6.220  -1.532  -6.182  1.00 39.25 ? 32  TRP A CZ3 1 
ATOM   242 C CH2 . TRP A 1 32 ? -6.782  -0.485  -5.425  1.00 37.04 ? 32  TRP A CH2 1 
ATOM   243 N N   . CYS A 1 33 ? -7.977  -5.457  -8.198  1.00 36.61 ? 33  CYS A N   1 
ATOM   244 C CA  . CYS A 1 33 ? -7.697  -4.508  -9.273  1.00 39.52 ? 33  CYS A CA  1 
ATOM   245 C C   . CYS A 1 33 ? -8.879  -4.347  -10.215 1.00 39.01 ? 33  CYS A C   1 
ATOM   246 O O   . CYS A 1 33 ? -9.164  -3.238  -10.675 1.00 44.50 ? 33  CYS A O   1 
ATOM   247 C CB  . CYS A 1 33 ? -6.451  -4.952  -10.037 1.00 43.32 ? 33  CYS A CB  1 
ATOM   248 S SG  . CYS A 1 33 ? -4.942  -4.486  -9.189  1.00 44.92 ? 33  CYS A SG  1 
ATOM   249 N N   . ALA A 1 34 ? -9.572  -5.443  -10.509 1.00 46.85 ? 34  ALA A N   1 
ATOM   250 C CA  . ALA A 1 34 ? -10.536 -5.456  -11.606 1.00 47.41 ? 34  ALA A CA  1 
ATOM   251 C C   . ALA A 1 34 ? -11.639 -4.408  -11.458 1.00 49.68 ? 34  ALA A C   1 
ATOM   252 O O   . ALA A 1 34 ? -11.856 -3.638  -12.411 1.00 52.67 ? 34  ALA A O   1 
ATOM   253 C CB  . ALA A 1 34 ? -11.112 -6.869  -11.770 1.00 43.76 ? 34  ALA A CB  1 
ATOM   254 N N   . PRO A 1 35 ? -12.340 -4.297  -10.319 1.00 52.20 ? 35  PRO A N   1 
ATOM   255 C CA  . PRO A 1 35 ? -13.403 -3.278  -10.230 1.00 52.21 ? 35  PRO A CA  1 
ATOM   256 C C   . PRO A 1 35 ? -12.896 -1.868  -10.413 1.00 47.70 ? 35  PRO A C   1 
ATOM   257 O O   . PRO A 1 35 ? -13.702 -0.955  -10.630 1.00 52.87 ? 35  PRO A O   1 
ATOM   258 C CB  . PRO A 1 35 ? -13.978 -3.484  -8.821  1.00 55.08 ? 35  PRO A CB  1 
ATOM   259 C CG  . PRO A 1 35 ? -13.543 -4.873  -8.416  1.00 48.28 ? 35  PRO A CG  1 
ATOM   260 C CD  . PRO A 1 35 ? -12.205 -5.044  -9.051  1.00 39.73 ? 35  PRO A CD  1 
ATOM   261 N N   . HIS A 1 36 ? -11.590 -1.648  -10.332 1.00 50.90 ? 36  HIS A N   1 
ATOM   262 C CA  . HIS A 1 36 ? -11.028 -0.325  -10.546 1.00 47.52 ? 36  HIS A CA  1 
ATOM   263 C C   . HIS A 1 36 ? -10.575 -0.119  -11.977 1.00 46.35 ? 36  HIS A C   1 
ATOM   264 O O   . HIS A 1 36 ? -9.959  0.910   -12.275 1.00 46.09 ? 36  HIS A O   1 
ATOM   265 C CB  . HIS A 1 36 ? -9.873  -0.079  -9.577  1.00 42.25 ? 36  HIS A CB  1 
ATOM   266 C CG  . HIS A 1 36 ? -10.289 -0.109  -8.141  1.00 47.97 ? 36  HIS A CG  1 
ATOM   267 N ND1 . HIS A 1 36 ? -10.877 0.970   -7.517  1.00 54.12 ? 36  HIS A ND1 1 
ATOM   268 C CD2 . HIS A 1 36 ? -10.222 -1.091  -7.211  1.00 47.22 ? 36  HIS A CD2 1 
ATOM   269 C CE1 . HIS A 1 36 ? -11.146 0.657   -6.262  1.00 50.12 ? 36  HIS A CE1 1 
ATOM   270 N NE2 . HIS A 1 36 ? -10.758 -0.588  -6.051  1.00 47.93 ? 36  HIS A NE2 1 
ATOM   271 N N   . GLY A 1 37 ? -10.898 -1.051  -12.869 1.00 46.99 ? 37  GLY A N   1 
ATOM   272 C CA  . GLY A 1 37 ? -10.425 -0.958  -14.246 1.00 46.15 ? 37  GLY A CA  1 
ATOM   273 C C   . GLY A 1 37 ? -8.939  -0.673  -14.348 1.00 44.78 ? 37  GLY A C   1 
ATOM   274 O O   . GLY A 1 37 ? -8.521  0.207   -15.108 1.00 57.10 ? 37  GLY A O   1 
ATOM   275 N N   . VAL A 1 38 ? -8.136  -1.392  -13.572 1.00 44.77 ? 38  VAL A N   1 
ATOM   276 C CA  . VAL A 1 38 ? -6.693  -1.195  -13.557 1.00 42.59 ? 38  VAL A CA  1 
ATOM   277 C C   . VAL A 1 38 ? -6.016  -2.554  -13.466 1.00 45.81 ? 38  VAL A C   1 
ATOM   278 O O   . VAL A 1 38 ? -6.601  -3.551  -13.039 1.00 52.25 ? 38  VAL A O   1 
ATOM   279 C CB  . VAL A 1 38 ? -6.235  -0.291  -12.392 1.00 45.70 ? 38  VAL A CB  1 
ATOM   280 C CG1 . VAL A 1 38 ? -6.240  -1.066  -11.070 1.00 44.54 ? 38  VAL A CG1 1 
ATOM   281 C CG2 . VAL A 1 38 ? -4.870  0.288   -12.685 1.00 46.44 ? 38  VAL A CG2 1 
ATOM   282 N N   . THR A 1 39 ? -4.767  -2.572  -13.873 1.00 44.26 ? 39  THR A N   1 
ATOM   283 C CA  . THR A 1 39 ? -3.941  -3.763  -13.882 1.00 44.84 ? 39  THR A CA  1 
ATOM   284 C C   . THR A 1 39 ? -3.247  -3.960  -12.530 1.00 41.60 ? 39  THR A C   1 
ATOM   285 O O   . THR A 1 39 ? -3.024  -3.009  -11.779 1.00 42.85 ? 39  THR A O   1 
ATOM   286 C CB  . THR A 1 39 ? -2.920  -3.613  -15.006 1.00 46.52 ? 39  THR A CB  1 
ATOM   287 O OG1 . THR A 1 39 ? -3.611  -3.377  -16.233 1.00 58.47 ? 39  THR A OG1 1 
ATOM   288 C CG2 . THR A 1 39 ? -2.238  -4.817  -15.182 1.00 44.83 ? 39  THR A CG2 1 
ATOM   289 N N   . ALA A 1 40 ? -2.896  -5.213  -12.224 1.00 33.43 ? 40  ALA A N   1 
ATOM   290 C CA  . ALA A 1 40 ? -2.031  -5.482  -11.073 1.00 36.92 ? 40  ALA A CA  1 
ATOM   291 C C   . ALA A 1 40 ? -0.699  -4.746  -11.210 1.00 41.32 ? 40  ALA A C   1 
ATOM   292 O O   . ALA A 1 40 ? -0.191  -4.135  -10.257 1.00 36.03 ? 40  ALA A O   1 
ATOM   293 C CB  . ALA A 1 40 ? -1.795  -6.987  -10.933 1.00 32.70 ? 40  ALA A CB  1 
ATOM   294 N N   . THR A 1 41 ? -0.133  -4.788  -12.409 1.00 40.32 ? 41  THR A N   1 
ATOM   295 C CA  . THR A 1 41 ? 1.130   -4.120  -12.694 1.00 43.33 ? 41  THR A CA  1 
ATOM   296 C C   . THR A 1 41 ? 1.034   -2.611  -12.493 1.00 43.60 ? 41  THR A C   1 
ATOM   297 O O   . THR A 1 41 ? 1.959   -1.988  -11.955 1.00 38.84 ? 41  THR A O   1 
ATOM   298 C CB  . THR A 1 41 ? 1.531   -4.471  -14.120 1.00 43.08 ? 41  THR A CB  1 
ATOM   299 O OG1 . THR A 1 41 ? 2.164   -5.764  -14.152 1.00 47.07 ? 41  THR A OG1 1 
ATOM   300 C CG2 . THR A 1 41 ? 2.340   -3.393  -14.770 1.00 46.85 ? 41  THR A CG2 1 
ATOM   301 N N   . ASN A 1 42 ? -0.077  -2.005  -12.921 1.00 41.75 ? 42  ASN A N   1 
ATOM   302 C CA  . ASN A 1 42 ? -0.290  -0.591  -12.650 1.00 46.10 ? 42  ASN A CA  1 
ATOM   303 C C   . ASN A 1 42 ? -0.541  -0.348  -11.167 1.00 39.59 ? 42  ASN A C   1 
ATOM   304 O O   . ASN A 1 42 ? -0.135  0.690   -10.635 1.00 37.07 ? 42  ASN A O   1 
ATOM   305 C CB  . ASN A 1 42 ? -1.458  -0.057  -13.478 1.00 46.43 ? 42  ASN A CB  1 
ATOM   306 C CG  . ASN A 1 42 ? -1.336  -0.391  -14.968 1.00 56.73 ? 42  ASN A CG  1 
ATOM   307 O OD1 . ASN A 1 42 ? -0.231  -0.578  -15.502 1.00 52.57 ? 42  ASN A OD1 1 
ATOM   308 N ND2 . ASN A 1 42 ? -2.483  -0.464  -15.648 1.00 54.15 ? 42  ASN A ND2 1 
ATOM   309 N N   . ALA A 1 43 ? -1.185  -1.300  -10.483 1.00 33.82 ? 43  ALA A N   1 
ATOM   310 C CA  . ALA A 1 43 ? -1.406  -1.143  -9.052  1.00 35.07 ? 43  ALA A CA  1 
ATOM   311 C C   . ALA A 1 43 ? -0.083  -1.095  -8.299  1.00 34.33 ? 43  ALA A C   1 
ATOM   312 O O   . ALA A 1 43 ? 0.101   -0.262  -7.407  1.00 28.66 ? 43  ALA A O   1 
ATOM   313 C CB  . ALA A 1 43 ? -2.288  -2.276  -8.520  1.00 36.80 ? 43  ALA A CB  1 
ATOM   314 N N   . LYS A 1 44 ? 0.860   -1.966  -8.665  1.00 35.04 ? 44  LYS A N   1 
ATOM   315 C CA  . LYS A 1 44 ? 2.148   -1.986  -7.985  1.00 34.78 ? 44  LYS A CA  1 
ATOM   316 C C   . LYS A 1 44 ? 2.934   -0.715  -8.257  1.00 36.19 ? 44  LYS A C   1 
ATOM   317 O O   . LYS A 1 44 ? 3.556   -0.163  -7.345  1.00 37.20 ? 44  LYS A O   1 
ATOM   318 C CB  . LYS A 1 44 ? 2.960   -3.203  -8.416  1.00 35.64 ? 44  LYS A CB  1 
ATOM   319 C CG  . LYS A 1 44 ? 4.197   -3.423  -7.581  1.00 36.57 ? 44  LYS A CG  1 
ATOM   320 C CD  . LYS A 1 44 ? 5.313   -4.048  -8.397  1.00 37.14 ? 44  LYS A CD  1 
ATOM   321 C CE  . LYS A 1 44 ? 6.279   -4.808  -7.507  1.00 44.43 ? 44  LYS A CE  1 
ATOM   322 N NZ  . LYS A 1 44 ? 7.690   -4.660  -7.943  1.00 45.77 ? 44  LYS A NZ  1 
ATOM   323 N N   . SER A 1 45 ? 2.936   -0.254  -9.517  1.00 36.14 ? 45  SER A N   1 
ATOM   324 C CA  . SER A 1 45 ? 3.722   0.921   -9.891  1.00 41.22 ? 45  SER A CA  1 
ATOM   325 C C   . SER A 1 45 ? 3.295   2.141   -9.081  1.00 39.09 ? 45  SER A C   1 
ATOM   326 O O   . SER A 1 45 ? 4.132   2.869   -8.541  1.00 37.01 ? 45  SER A O   1 
ATOM   327 C CB  . SER A 1 45 ? 3.580   1.197   -11.392 1.00 42.41 ? 45  SER A CB  1 
ATOM   328 O OG  . SER A 1 45 ? 4.535   0.465   -12.147 1.00 46.34 ? 45  SER A OG  1 
ATOM   329 N N   . ALA A 1 46 ? 1.985   2.371   -8.986  1.00 35.08 ? 46  ALA A N   1 
ATOM   330 C CA  . ALA A 1 46 ? 1.480   3.441   -8.135  1.00 40.04 ? 46  ALA A CA  1 
ATOM   331 C C   . ALA A 1 46 ? 1.863   3.219   -6.673  1.00 37.07 ? 46  ALA A C   1 
ATOM   332 O O   . ALA A 1 46 ? 2.296   4.157   -5.992  1.00 36.28 ? 46  ALA A O   1 
ATOM   333 C CB  . ALA A 1 46 ? -0.037  3.546   -8.272  1.00 40.74 ? 46  ALA A CB  1 
ATOM   334 N N   . ALA A 1 47 ? 1.712   1.986   -6.174  1.00 26.49 ? 47  ALA A N   1 
ATOM   335 C CA  . ALA A 1 47 ? 1.922   1.748   -4.751  1.00 32.35 ? 47  ALA A CA  1 
ATOM   336 C C   . ALA A 1 47 ? 3.369   2.000   -4.365  1.00 33.72 ? 47  ALA A C   1 
ATOM   337 O O   . ALA A 1 47 ? 3.647   2.585   -3.312  1.00 32.34 ? 47  ALA A O   1 
ATOM   338 C CB  . ALA A 1 47 ? 1.501   0.329   -4.365  1.00 26.71 ? 47  ALA A CB  1 
ATOM   339 N N   . THR A 1 48 ? 4.305   1.571   -5.205  1.00 31.97 ? 48  THR A N   1 
ATOM   340 C CA  . THR A 1 48 ? 5.713   1.782   -4.917  1.00 35.10 ? 48  THR A CA  1 
ATOM   341 C C   . THR A 1 48 ? 6.161   3.224   -5.141  1.00 37.08 ? 48  THR A C   1 
ATOM   342 O O   . THR A 1 48 ? 7.301   3.555   -4.794  1.00 39.58 ? 48  THR A O   1 
ATOM   343 C CB  . THR A 1 48 ? 6.572   0.844   -5.769  1.00 36.66 ? 48  THR A CB  1 
ATOM   344 O OG1 . THR A 1 48 ? 6.356   1.125   -7.155  1.00 38.57 ? 48  THR A OG1 1 
ATOM   345 C CG2 . THR A 1 48 ? 6.211   -0.610  -5.493  1.00 35.53 ? 48  THR A CG2 1 
ATOM   346 N N   . GLY A 1 49 ? 5.305   4.085   -5.692  1.00 34.03 ? 49  GLY A N   1 
ATOM   347 C CA  . GLY A 1 49 ? 5.711   5.429   -6.048  1.00 39.97 ? 49  GLY A CA  1 
ATOM   348 C C   . GLY A 1 49 ? 6.487   5.528   -7.343  1.00 46.13 ? 49  GLY A C   1 
ATOM   349 O O   . GLY A 1 49 ? 6.942   6.629   -7.696  1.00 43.61 ? 49  GLY A O   1 
ATOM   350 N N   . GLY A 1 50 ? 6.666   4.409   -8.051  1.00 42.81 ? 50  GLY A N   1 
ATOM   351 C CA  . GLY A 1 50 ? 7.349   4.450   -9.331  1.00 44.89 ? 50  GLY A CA  1 
ATOM   352 C C   . GLY A 1 50 ? 6.611   5.279   -10.361 1.00 50.63 ? 50  GLY A C   1 
ATOM   353 O O   . GLY A 1 50 ? 7.231   6.032   -11.118 1.00 57.94 ? 50  GLY A O   1 
ATOM   354 N N   . TRP A 1 51 ? 5.280   5.142   -10.415 1.00 47.06 ? 51  TRP A N   1 
ATOM   355 C CA  . TRP A 1 51 ? 4.401   6.047   -11.153 1.00 53.97 ? 51  TRP A CA  1 
ATOM   356 C C   . TRP A 1 51 ? 3.799   7.028   -10.158 1.00 58.21 ? 51  TRP A C   1 
ATOM   357 O O   . TRP A 1 51 ? 3.084   6.616   -9.239  1.00 52.85 ? 51  TRP A O   1 
ATOM   358 C CB  . TRP A 1 51 ? 3.266   5.298   -11.846 1.00 54.57 ? 51  TRP A CB  1 
ATOM   359 C CG  . TRP A 1 51 ? 3.664   4.529   -13.025 1.00 65.26 ? 51  TRP A CG  1 
ATOM   360 C CD1 . TRP A 1 51 ? 4.922   4.408   -13.545 1.00 65.22 ? 51  TRP A CD1 1 
ATOM   361 C CD2 . TRP A 1 51 ? 2.818   3.690   -13.809 1.00 70.97 ? 51  TRP A CD2 1 
ATOM   362 N NE1 . TRP A 1 51 ? 4.904   3.564   -14.626 1.00 69.59 ? 51  TRP A NE1 1 
ATOM   363 C CE2 . TRP A 1 51 ? 3.624   3.106   -14.809 1.00 72.25 ? 51  TRP A CE2 1 
ATOM   364 C CE3 . TRP A 1 51 ? 1.454   3.386   -13.770 1.00 68.29 ? 51  TRP A CE3 1 
ATOM   365 C CZ2 . TRP A 1 51 ? 3.112   2.242   -15.767 1.00 71.25 ? 51  TRP A CZ2 1 
ATOM   366 C CZ3 . TRP A 1 51 ? 0.946   2.520   -14.716 1.00 64.95 ? 51  TRP A CZ3 1 
ATOM   367 C CH2 . TRP A 1 51 ? 1.774   1.958   -15.708 1.00 68.22 ? 51  TRP A CH2 1 
ATOM   368 N N   . ASN A 1 52 ? 4.064   8.316   -10.339 1.00 60.66 ? 52  ASN A N   1 
ATOM   369 C CA  . ASN A 1 52 ? 3.551   9.305   -9.401  1.00 58.47 ? 52  ASN A CA  1 
ATOM   370 C C   . ASN A 1 52 ? 2.661   10.346  -10.072 1.00 66.15 ? 52  ASN A C   1 
ATOM   371 O O   . ASN A 1 52 ? 2.469   11.434  -9.521  1.00 71.73 ? 52  ASN A O   1 
ATOM   372 C CB  . ASN A 1 52 ? 4.696   9.972   -8.647  1.00 63.94 ? 52  ASN A CB  1 
ATOM   373 C CG  . ASN A 1 52 ? 4.707   9.585   -7.181  1.00 68.71 ? 52  ASN A CG  1 
ATOM   374 O OD1 . ASN A 1 52 ? 3.685   9.705   -6.497  1.00 66.00 ? 52  ASN A OD1 1 
ATOM   375 N ND2 . ASN A 1 52 ? 5.851   9.112   -6.689  1.00 62.85 ? 52  ASN A ND2 1 
ATOM   376 N N   . GLY A 1 53 ? 2.096   10.028  -11.236 1.00 68.65 ? 53  GLY A N   1 
ATOM   377 C CA  . GLY A 1 53 ? 1.055   10.866  -11.796 1.00 68.20 ? 53  GLY A CA  1 
ATOM   378 C C   . GLY A 1 53 ? -0.131  10.977  -10.860 1.00 69.06 ? 53  GLY A C   1 
ATOM   379 O O   . GLY A 1 53 ? -0.281  10.207  -9.914  1.00 73.24 ? 53  GLY A O   1 
ATOM   380 N N   . THR A 1 54 ? -0.990  11.963  -11.120 1.00 74.08 ? 54  THR A N   1 
ATOM   381 C CA  . THR A 1 54 ? -2.105  12.183  -10.205 1.00 68.94 ? 54  THR A CA  1 
ATOM   382 C C   . THR A 1 54 ? -3.135  11.055  -10.284 1.00 67.20 ? 54  THR A C   1 
ATOM   383 O O   . THR A 1 54 ? -3.829  10.784  -9.297  1.00 65.24 ? 54  THR A O   1 
ATOM   384 C CB  . THR A 1 54 ? -2.750  13.553  -10.460 1.00 73.26 ? 54  THR A CB  1 
ATOM   385 O OG1 . THR A 1 54 ? -2.766  13.841  -11.864 1.00 76.03 ? 54  THR A OG1 1 
ATOM   386 C CG2 . THR A 1 54 ? -1.983  14.646  -9.724  1.00 68.30 ? 54  THR A CG2 1 
ATOM   387 N N   . LYS A 1 55 ? -3.238  10.371  -11.429 1.00 71.73 ? 55  LYS A N   1 
ATOM   388 C CA  . LYS A 1 55 ? -4.096  9.188   -11.499 1.00 60.38 ? 55  LYS A CA  1 
ATOM   389 C C   . LYS A 1 55 ? -3.593  8.091   -10.560 1.00 65.48 ? 55  LYS A C   1 
ATOM   390 O O   . LYS A 1 55 ? -4.391  7.351   -9.969  1.00 65.25 ? 55  LYS A O   1 
ATOM   391 C CB  . LYS A 1 55 ? -4.172  8.681   -12.940 1.00 63.52 ? 55  LYS A CB  1 
ATOM   392 C CG  . LYS A 1 55 ? -4.409  9.783   -13.994 1.00 74.86 ? 55  LYS A CG  1 
ATOM   393 C CD  . LYS A 1 55 ? -4.268  9.265   -15.432 1.00 67.46 ? 55  LYS A CD  1 
ATOM   394 C CE  . LYS A 1 55 ? -3.187  10.018  -16.199 1.00 60.70 ? 55  LYS A CE  1 
ATOM   395 N NZ  . LYS A 1 55 ? -1.813  9.684   -15.723 1.00 62.46 ? 55  LYS A NZ  1 
ATOM   396 N N   . ALA A 1 56 ? -2.269  7.979   -10.405 1.00 63.84 ? 56  ALA A N   1 
ATOM   397 C CA  . ALA A 1 56 ? -1.703  7.014   -9.467  1.00 58.98 ? 56  ALA A CA  1 
ATOM   398 C C   . ALA A 1 56 ? -2.063  7.370   -8.031  1.00 54.04 ? 56  ALA A C   1 
ATOM   399 O O   . ALA A 1 56 ? -2.354  6.485   -7.217  1.00 52.32 ? 56  ALA A O   1 
ATOM   400 C CB  . ALA A 1 56 ? -0.184  6.942   -9.639  1.00 56.18 ? 56  ALA A CB  1 
ATOM   401 N N   . ARG A 1 57 ? -2.046  8.664   -7.704  1.00 57.07 ? 57  ARG A N   1 
ATOM   402 C CA  . ARG A 1 57 ? -2.439  9.114   -6.372  1.00 59.94 ? 57  ARG A CA  1 
ATOM   403 C C   . ARG A 1 57 ? -3.881  8.715   -6.056  1.00 51.33 ? 57  ARG A C   1 
ATOM   404 O O   . ARG A 1 57 ? -4.169  8.199   -4.969  1.00 46.78 ? 57  ARG A O   1 
ATOM   405 C CB  . ARG A 1 57 ? -2.244  10.628  -6.262  1.00 61.85 ? 57  ARG A CB  1 
ATOM   406 C CG  . ARG A 1 57 ? -0.942  11.113  -6.892  1.00 68.25 ? 57  ARG A CG  1 
ATOM   407 C CD  . ARG A 1 57 ? -0.763  12.620  -6.783  1.00 74.48 ? 57  ARG A CD  1 
ATOM   408 N NE  . ARG A 1 57 ? -0.054  12.969  -5.560  1.00 81.01 ? 57  ARG A NE  1 
ATOM   409 C CZ  . ARG A 1 57 ? -0.658  13.246  -4.410  1.00 87.75 ? 57  ARG A CZ  1 
ATOM   410 N NH1 . ARG A 1 57 ? -1.983  13.224  -4.338  1.00 89.34 ? 57  ARG A NH1 1 
ATOM   411 N NH2 . ARG A 1 57 ? 0.059   13.548  -3.336  1.00 93.84 ? 57  ARG A NH2 1 
ATOM   412 N N   . ALA A 1 58 ? -4.797  8.925   -7.006  1.00 50.66 ? 58  ALA A N   1 
ATOM   413 C CA  . ALA A 1 58 ? -6.185  8.512   -6.808  1.00 52.53 ? 58  ALA A CA  1 
ATOM   414 C C   . ALA A 1 58 ? -6.271  7.037   -6.446  1.00 46.87 ? 58  ALA A C   1 
ATOM   415 O O   . ALA A 1 58 ? -7.000  6.653   -5.525  1.00 41.98 ? 58  ALA A O   1 
ATOM   416 C CB  . ALA A 1 58 ? -7.005  8.799   -8.067  1.00 47.62 ? 58  ALA A CB  1 
ATOM   417 N N   . LEU A 1 59 ? -5.515  6.197   -7.163  1.00 43.58 ? 59  LEU A N   1 
ATOM   418 C CA  . LEU A 1 59 ? -5.502  4.762   -6.894  1.00 42.19 ? 59  LEU A CA  1 
ATOM   419 C C   . LEU A 1 59 ? -4.871  4.457   -5.541  1.00 41.16 ? 59  LEU A C   1 
ATOM   420 O O   . LEU A 1 59 ? -5.346  3.574   -4.818  1.00 42.26 ? 59  LEU A O   1 
ATOM   421 C CB  . LEU A 1 59 ? -4.758  4.022   -8.007  1.00 41.72 ? 59  LEU A CB  1 
ATOM   422 C CG  . LEU A 1 59 ? -4.787  2.492   -8.037  1.00 40.76 ? 59  LEU A CG  1 
ATOM   423 C CD1 . LEU A 1 59 ? -6.207  1.973   -8.014  1.00 33.35 ? 59  LEU A CD1 1 
ATOM   424 C CD2 . LEU A 1 59 ? -4.016  1.938   -9.266  1.00 39.86 ? 59  LEU A CD2 1 
ATOM   425 N N   . ARG A 1 60 ? -3.795  5.165   -5.193  1.00 39.72 ? 60  ARG A N   1 
ATOM   426 C CA  . ARG A 1 60 ? -3.167  4.978   -3.889  1.00 35.31 ? 60  ARG A CA  1 
ATOM   427 C C   . ARG A 1 60 ? -4.135  5.314   -2.769  1.00 38.96 ? 60  ARG A C   1 
ATOM   428 O O   . ARG A 1 60 ? -4.146  4.648   -1.719  1.00 32.67 ? 60  ARG A O   1 
ATOM   429 C CB  . ARG A 1 60 ? -1.912  5.847   -3.788  1.00 38.49 ? 60  ARG A CB  1 
ATOM   430 C CG  . ARG A 1 60 ? -0.678  5.100   -3.334  1.00 40.07 ? 60  ARG A CG  1 
ATOM   431 C CD  . ARG A 1 60 ? 0.566   5.532   -4.077  1.00 41.72 ? 60  ARG A CD  1 
ATOM   432 N NE  . ARG A 1 60 ? 0.922   6.929   -3.843  1.00 48.97 ? 60  ARG A NE  1 
ATOM   433 C CZ  . ARG A 1 60 ? 1.433   7.729   -4.773  1.00 49.02 ? 60  ARG A CZ  1 
ATOM   434 N NH1 . ARG A 1 60 ? 1.654   7.267   -5.994  1.00 48.01 ? 60  ARG A NH1 1 
ATOM   435 N NH2 . ARG A 1 60 ? 1.729   8.987   -4.482  1.00 59.80 ? 60  ARG A NH2 1 
ATOM   436 N N   . GLN A 1 61 ? -4.970  6.338   -2.985  1.00 33.97 ? 61  GLN A N   1 
ATOM   437 C CA  . GLN A 1 61 ? -5.973  6.706   -1.991  1.00 44.79 ? 61  GLN A CA  1 
ATOM   438 C C   . GLN A 1 61 ? -7.034  5.617   -1.834  1.00 39.47 ? 61  GLN A C   1 
ATOM   439 O O   . GLN A 1 61 ? -7.514  5.370   -0.720  1.00 37.76 ? 61  GLN A O   1 
ATOM   440 C CB  . GLN A 1 61 ? -6.615  8.042   -2.369  1.00 48.89 ? 61  GLN A CB  1 
ATOM   441 C CG  . GLN A 1 61 ? -7.544  8.607   -1.317  1.00 42.93 ? 61  GLN A CG  1 
ATOM   442 C CD  . GLN A 1 61 ? -6.815  8.898   -0.026  1.00 46.35 ? 61  GLN A CD  1 
ATOM   443 O OE1 . GLN A 1 61 ? -5.780  9.563   -0.026  1.00 56.12 ? 61  GLN A OE1 1 
ATOM   444 N NE2 . GLN A 1 61 ? -7.343  8.393   1.088   1.00 47.06 ? 61  GLN A NE2 1 
ATOM   445 N N   . LYS A 1 62 ? -7.413  4.954   -2.934  1.00 35.60 ? 62  LYS A N   1 
ATOM   446 C CA  . LYS A 1 62 ? -8.332  3.824   -2.828  1.00 38.36 ? 62  LYS A CA  1 
ATOM   447 C C   . LYS A 1 62 ? -7.703  2.669   -2.070  1.00 37.84 ? 62  LYS A C   1 
ATOM   448 O O   . LYS A 1 62 ? -8.406  1.958   -1.346  1.00 34.91 ? 62  LYS A O   1 
ATOM   449 C CB  . LYS A 1 62 ? -8.766  3.327   -4.205  1.00 47.40 ? 62  LYS A CB  1 
ATOM   450 C CG  . LYS A 1 62 ? -9.624  4.280   -4.995  1.00 49.10 ? 62  LYS A CG  1 
ATOM   451 C CD  . LYS A 1 62 ? -9.546  3.913   -6.463  1.00 52.29 ? 62  LYS A CD  1 
ATOM   452 C CE  . LYS A 1 62 ? -9.785  5.126   -7.355  1.00 60.25 ? 62  LYS A CE  1 
ATOM   453 N NZ  . LYS A 1 62 ? -11.195 5.592   -7.280  1.00 65.99 ? 62  LYS A NZ  1 
ATOM   454 N N   . MET A 1 63 ? -6.389  2.455   -2.233  1.00 34.03 ? 63  MET A N   1 
ATOM   455 C CA  . MET A 1 63 ? -5.731  1.399   -1.468  1.00 33.83 ? 63  MET A CA  1 
ATOM   456 C C   . MET A 1 63 ? -5.741  1.727   0.014   1.00 35.30 ? 63  MET A C   1 
ATOM   457 O O   . MET A 1 63 ? -5.912  0.839   0.857   1.00 33.74 ? 63  MET A O   1 
ATOM   458 C CB  . MET A 1 63 ? -4.297  1.194   -1.945  1.00 32.80 ? 63  MET A CB  1 
ATOM   459 C CG  . MET A 1 63 ? -4.195  0.633   -3.347  1.00 39.01 ? 63  MET A CG  1 
ATOM   460 S SD  . MET A 1 63 ? -2.581  0.884   -4.101  1.00 38.49 ? 63  MET A SD  1 
ATOM   461 C CE  . MET A 1 63 ? -1.565  0.055   -2.922  1.00 31.42 ? 63  MET A CE  1 
ATOM   462 N N   . ILE A 1 64 ? -5.556  3.004   0.346   1.00 34.60 ? 64  ILE A N   1 
ATOM   463 C CA  . ILE A 1 64 ? -5.545  3.404   1.742   1.00 36.54 ? 64  ILE A CA  1 
ATOM   464 C C   . ILE A 1 64 ? -6.945  3.307   2.326   1.00 37.67 ? 64  ILE A C   1 
ATOM   465 O O   . ILE A 1 64 ? -7.119  2.857   3.462   1.00 32.23 ? 64  ILE A O   1 
ATOM   466 C CB  . ILE A 1 64 ? -4.958  4.817   1.897   1.00 35.02 ? 64  ILE A CB  1 
ATOM   467 C CG1 . ILE A 1 64 ? -3.464  4.796   1.558   1.00 34.65 ? 64  ILE A CG1 1 
ATOM   468 C CG2 . ILE A 1 64 ? -5.240  5.358   3.302   1.00 28.49 ? 64  ILE A CG2 1 
ATOM   469 C CD1 . ILE A 1 64 ? -2.785  6.184   1.517   1.00 27.68 ? 64  ILE A CD1 1 
ATOM   470 N N   . ASP A 1 65 ? -7.963  3.720   1.565   1.00 34.96 ? 65  ASP A N   1 
ATOM   471 C CA  . ASP A 1 65 ? -9.334  3.589   2.049   1.00 39.65 ? 65  ASP A CA  1 
ATOM   472 C C   . ASP A 1 65 ? -9.799  2.136   2.117   1.00 36.76 ? 65  ASP A C   1 
ATOM   473 O O   . ASP A 1 65 ? -10.730 1.836   2.875   1.00 36.37 ? 65  ASP A O   1 
ATOM   474 C CB  . ASP A 1 65 ? -10.295 4.390   1.165   1.00 40.60 ? 65  ASP A CB  1 
ATOM   475 C CG  . ASP A 1 65 ? -9.967  5.860   1.136   1.00 43.01 ? 65  ASP A CG  1 
ATOM   476 O OD1 . ASP A 1 65 ? -9.311  6.347   2.083   1.00 44.43 ? 65  ASP A OD1 1 
ATOM   477 O OD2 . ASP A 1 65 ? -10.365 6.528   0.159   1.00 53.43 ? 65  ASP A OD2 1 
ATOM   478 N N   . GLU A 1 66 ? -9.175  1.234   1.357   1.00 29.19 ? 66  GLU A N   1 
ATOM   479 C CA  . GLU A 1 66 ? -9.506  -0.183  1.459   1.00 37.37 ? 66  GLU A CA  1 
ATOM   480 C C   . GLU A 1 66 ? -9.155  -0.708  2.847   1.00 35.88 ? 66  GLU A C   1 
ATOM   481 O O   . GLU A 1 66 ? -10.026 -1.152  3.601   1.00 33.67 ? 66  GLU A O   1 
ATOM   482 C CB  . GLU A 1 66 ? -8.770  -0.971  0.370   1.00 33.57 ? 66  GLU A CB  1 
ATOM   483 C CG  . GLU A 1 66 ? -9.209  -2.414  0.233   1.00 41.88 ? 66  GLU A CG  1 
ATOM   484 C CD  . GLU A 1 66 ? -10.673 -2.550  -0.175  1.00 43.94 ? 66  GLU A CD  1 
ATOM   485 O OE1 . GLU A 1 66 ? -11.045 -2.004  -1.242  1.00 36.06 ? 66  GLU A OE1 1 
ATOM   486 O OE2 . GLU A 1 66 ? -11.442 -3.192  0.580   1.00 42.89 ? 66  GLU A OE2 1 
ATOM   487 N N   . VAL A 1 67 ? -7.863  -0.671  3.194   1.00 32.01 ? 67  VAL A N   1 
ATOM   488 C CA  . VAL A 1 67 ? -7.475  -0.702  4.593   1.00 30.23 ? 67  VAL A CA  1 
ATOM   489 C C   . VAL A 1 67 ? -8.163  0.476   5.267   1.00 32.55 ? 67  VAL A C   1 
ATOM   490 O O   . VAL A 1 67 ? -8.656  1.390   4.613   1.00 39.86 ? 67  VAL A O   1 
ATOM   491 C CB  . VAL A 1 67 ? -5.945  -0.602  4.719   1.00 33.64 ? 67  VAL A CB  1 
ATOM   492 C CG1 . VAL A 1 67 ? -5.450  -1.073  6.103   1.00 25.80 ? 67  VAL A CG1 1 
ATOM   493 C CG2 . VAL A 1 67 ? -5.262  -1.353  3.569   1.00 30.76 ? 67  VAL A CG2 1 
ATOM   494 N N   . GLY A 1 68 ? -8.200  0.480   6.577   1.00 31.65 ? 68  GLY A N   1 
ATOM   495 C CA  . GLY A 1 68 ? -8.530  1.738   7.232   1.00 37.63 ? 68  GLY A CA  1 
ATOM   496 C C   . GLY A 1 68 ? -7.347  2.687   7.178   1.00 27.60 ? 68  GLY A C   1 
ATOM   497 O O   . GLY A 1 68 ? -6.199  2.263   7.231   1.00 26.78 ? 68  GLY A O   1 
ATOM   498 N N   . GLU A 1 69 ? -7.611  3.991   7.033   1.00 27.80 ? 69  GLU A N   1 
ATOM   499 C CA  . GLU A 1 69 ? -6.491  4.930   7.080   1.00 30.91 ? 69  GLU A CA  1 
ATOM   500 C C   . GLU A 1 69 ? -5.701  4.759   8.375   1.00 29.93 ? 69  GLU A C   1 
ATOM   501 O O   . GLU A 1 69 ? -4.465  4.703   8.358   1.00 32.95 ? 69  GLU A O   1 
ATOM   502 C CB  . GLU A 1 69 ? -6.962  6.378   6.927   1.00 35.32 ? 69  GLU A CB  1 
ATOM   503 C CG  . GLU A 1 69 ? -5.813  7.401   6.997   1.00 44.85 ? 69  GLU A CG  1 
ATOM   504 C CD  . GLU A 1 69 ? -6.272  8.859   6.834   1.00 53.76 ? 69  GLU A CD  1 
ATOM   505 O OE1 . GLU A 1 69 ? -6.743  9.230   5.732   1.00 55.68 ? 69  GLU A OE1 1 
ATOM   506 O OE2 . GLU A 1 69 ? -6.172  9.631   7.816   1.00 39.12 ? 69  GLU A OE2 1 
ATOM   507 N N   . GLU A 1 70 ? -6.399  4.603   9.501   1.00 30.11 ? 70  GLU A N   1 
ATOM   508 C CA  . GLU A 1 70 ? -5.705  4.394   10.765  1.00 30.99 ? 70  GLU A CA  1 
ATOM   509 C C   . GLU A 1 70 ? -5.022  3.022   10.796  1.00 27.23 ? 70  GLU A C   1 
ATOM   510 O O   . GLU A 1 70 ? -3.864  2.904   11.224  1.00 29.78 ? 70  GLU A O   1 
ATOM   511 C CB  . GLU A 1 70 ? -6.689  4.572   11.923  1.00 24.38 ? 70  GLU A CB  1 
ATOM   512 C CG  . GLU A 1 70 ? -6.053  4.545   13.306  1.00 25.65 ? 70  GLU A CG  1 
ATOM   513 C CD  . GLU A 1 70 ? -6.929  5.200   14.363  1.00 30.47 ? 70  GLU A CD  1 
ATOM   514 O OE1 . GLU A 1 70 ? -7.851  4.525   14.865  1.00 30.87 ? 70  GLU A OE1 1 
ATOM   515 O OE2 . GLU A 1 70 ? -6.696  6.388   14.700  1.00 38.28 ? 70  GLU A OE2 1 
ATOM   516 N N   . THR A 1 71 ? -5.708  1.988   10.303  1.00 27.99 ? 71  THR A N   1 
ATOM   517 C CA  . THR A 1 71 ? -5.116  0.656   10.259  1.00 24.68 ? 71  THR A CA  1 
ATOM   518 C C   . THR A 1 71 ? -3.906  0.633   9.334   1.00 26.98 ? 71  THR A C   1 
ATOM   519 O O   . THR A 1 71 ? -2.861  0.077   9.697   1.00 28.80 ? 71  THR A O   1 
ATOM   520 C CB  . THR A 1 71 ? -6.170  -0.373  9.825   1.00 27.45 ? 71  THR A CB  1 
ATOM   521 O OG1 . THR A 1 71 ? -7.177  -0.497  10.849  1.00 29.37 ? 71  THR A OG1 1 
ATOM   522 C CG2 . THR A 1 71 ? -5.533  -1.738  9.582   1.00 21.11 ? 71  THR A CG2 1 
ATOM   523 N N   . PHE A 1 72 ? -4.013  1.273   8.158   1.00 25.17 ? 72  PHE A N   1 
ATOM   524 C CA  . PHE A 1 72 ? -2.871  1.385   7.254   1.00 26.74 ? 72  PHE A CA  1 
ATOM   525 C C   . PHE A 1 72 ? -1.688  2.029   7.959   1.00 30.46 ? 72  PHE A C   1 
ATOM   526 O O   . PHE A 1 72 ? -0.552  1.556   7.843   1.00 26.00 ? 72  PHE A O   1 
ATOM   527 C CB  . PHE A 1 72 ? -3.228  2.192   5.999   1.00 31.34 ? 72  PHE A CB  1 
ATOM   528 C CG  . PHE A 1 72 ? -2.373  1.845   4.796   1.00 29.29 ? 72  PHE A CG  1 
ATOM   529 C CD1 . PHE A 1 72 ? -1.015  2.144   4.779   1.00 26.38 ? 72  PHE A CD1 1 
ATOM   530 C CD2 . PHE A 1 72 ? -2.917  1.180   3.706   1.00 28.36 ? 72  PHE A CD2 1 
ATOM   531 C CE1 . PHE A 1 72 ? -0.223  1.793   3.702   1.00 29.21 ? 72  PHE A CE1 1 
ATOM   532 C CE2 . PHE A 1 72 ? -2.128  0.831   2.606   1.00 26.69 ? 72  PHE A CE2 1 
ATOM   533 C CZ  . PHE A 1 72 ? -0.788  1.142   2.601   1.00 31.01 ? 72  PHE A CZ  1 
ATOM   534 N N   . LEU A 1 73 ? -1.940  3.117   8.701   1.00 28.44 ? 73  LEU A N   1 
ATOM   535 C CA  . LEU A 1 73 ? -0.838  3.801   9.363   1.00 27.51 ? 73  LEU A CA  1 
ATOM   536 C C   . LEU A 1 73 ? -0.214  2.899   10.413  1.00 28.62 ? 73  LEU A C   1 
ATOM   537 O O   . LEU A 1 73 ? 1.014   2.842   10.544  1.00 26.40 ? 73  LEU A O   1 
ATOM   538 C CB  . LEU A 1 73 ? -1.312  5.123   9.971   1.00 23.48 ? 73  LEU A CB  1 
ATOM   539 C CG  . LEU A 1 73 ? -0.344  5.990   10.773  1.00 29.65 ? 73  LEU A CG  1 
ATOM   540 C CD1 . LEU A 1 73 ? 0.787   6.598   9.921   1.00 25.81 ? 73  LEU A CD1 1 
ATOM   541 C CD2 . LEU A 1 73 ? -1.110  7.124   11.491  1.00 35.42 ? 73  LEU A CD2 1 
ATOM   542 N N   . ARG A 1 74 ? -1.043  2.135   11.130  1.00 27.36 ? 74  ARG A N   1 
ATOM   543 C CA  . ARG A 1 74 ? -0.506  1.296   12.198  1.00 28.83 ? 74  ARG A CA  1 
ATOM   544 C C   . ARG A 1 74 ? 0.312   0.143   11.627  1.00 26.84 ? 74  ARG A C   1 
ATOM   545 O O   . ARG A 1 74 ? 1.430   -0.120  12.087  1.00 27.36 ? 74  ARG A O   1 
ATOM   546 C CB  . ARG A 1 74 ? -1.642  0.788   13.079  1.00 26.22 ? 74  ARG A CB  1 
ATOM   547 C CG  . ARG A 1 74 ? -2.191  1.875   13.987  1.00 29.27 ? 74  ARG A CG  1 
ATOM   548 C CD  . ARG A 1 74 ? -3.508  1.440   14.640  1.00 28.59 ? 74  ARG A CD  1 
ATOM   549 N NE  . ARG A 1 74 ? -3.933  2.430   15.614  1.00 35.38 ? 74  ARG A NE  1 
ATOM   550 C CZ  . ARG A 1 74 ? -5.105  2.437   16.244  1.00 32.75 ? 74  ARG A CZ  1 
ATOM   551 N NH1 . ARG A 1 74 ? -6.017  1.495   16.014  1.00 38.28 ? 74  ARG A NH1 1 
ATOM   552 N NH2 . ARG A 1 74 ? -5.360  3.399   17.114  1.00 35.00 ? 74  ARG A NH2 1 
ATOM   553 N N   . LEU A 1 75 ? -0.221  -0.537  10.606  1.00 23.14 ? 75  LEU A N   1 
ATOM   554 C CA  . LEU A 1 75 ? 0.527   -1.596  9.936   1.00 28.53 ? 75  LEU A CA  1 
ATOM   555 C C   . LEU A 1 75 ? 1.821   -1.054  9.349   1.00 26.51 ? 75  LEU A C   1 
ATOM   556 O O   . LEU A 1 75 ? 2.907   -1.601  9.584   1.00 25.74 ? 75  LEU A O   1 
ATOM   557 C CB  . LEU A 1 75 ? -0.331  -2.222  8.845   1.00 24.31 ? 75  LEU A CB  1 
ATOM   558 C CG  . LEU A 1 75 ? -1.604  -2.876  9.383   1.00 28.83 ? 75  LEU A CG  1 
ATOM   559 C CD1 . LEU A 1 75 ? -2.389  -3.484  8.253   1.00 17.69 ? 75  LEU A CD1 1 
ATOM   560 C CD2 . LEU A 1 75 ? -1.222  -3.925  10.415  1.00 27.16 ? 75  LEU A CD2 1 
ATOM   561 N N   . TYR A 1 76 ? 1.711   0.036   8.584   1.00 26.49 ? 76  TYR A N   1 
ATOM   562 C CA  . TYR A 1 76 ? 2.865   0.655   7.946   1.00 28.98 ? 76  TYR A CA  1 
ATOM   563 C C   . TYR A 1 76 ? 3.889   1.083   8.989   1.00 28.14 ? 76  TYR A C   1 
ATOM   564 O O   . TYR A 1 76 ? 5.073   0.759   8.861   1.00 23.09 ? 76  TYR A O   1 
ATOM   565 C CB  . TYR A 1 76 ? 2.371   1.824   7.088   1.00 26.54 ? 76  TYR A CB  1 
ATOM   566 C CG  . TYR A 1 76 ? 3.377   2.751   6.448   1.00 26.63 ? 76  TYR A CG  1 
ATOM   567 C CD1 . TYR A 1 76 ? 3.892   2.485   5.174   1.00 31.77 ? 76  TYR A CD1 1 
ATOM   568 C CD2 . TYR A 1 76 ? 3.779   3.929   7.090   1.00 24.47 ? 76  TYR A CD2 1 
ATOM   569 C CE1 . TYR A 1 76 ? 4.798   3.364   4.551   1.00 26.05 ? 76  TYR A CE1 1 
ATOM   570 C CE2 . TYR A 1 76 ? 4.665   4.806   6.480   1.00 30.69 ? 76  TYR A CE2 1 
ATOM   571 C CZ  . TYR A 1 76 ? 5.172   4.519   5.212   1.00 31.42 ? 76  TYR A CZ  1 
ATOM   572 O OH  . TYR A 1 76 ? 6.051   5.383   4.623   1.00 29.71 ? 76  TYR A OH  1 
ATOM   573 N N   . THR A 1 77 ? 3.432   1.710   10.083  1.00 27.92 ? 77  THR A N   1 
ATOM   574 C CA  . THR A 1 77 ? 4.366   2.235   11.083  1.00 34.30 ? 77  THR A CA  1 
ATOM   575 C C   . THR A 1 77 ? 5.094   1.115   11.806  1.00 29.55 ? 77  THR A C   1 
ATOM   576 O O   . THR A 1 77 ? 6.313   1.176   11.995  1.00 33.86 ? 77  THR A O   1 
ATOM   577 C CB  . THR A 1 77 ? 3.648   3.129   12.109  1.00 36.55 ? 77  THR A CB  1 
ATOM   578 O OG1 . THR A 1 77 ? 2.904   4.153   11.437  1.00 30.83 ? 77  THR A OG1 1 
ATOM   579 C CG2 . THR A 1 77 ? 4.666   3.787   13.044  1.00 33.35 ? 77  THR A CG2 1 
ATOM   580 N N   . GLU A 1 78 ? 4.362   0.089   12.234  1.00 30.99 ? 78  GLU A N   1 
ATOM   581 C CA  . GLU A 1 78 ? 5.006   -0.992  12.971  1.00 32.62 ? 78  GLU A CA  1 
ATOM   582 C C   . GLU A 1 78 ? 5.955   -1.779  12.071  1.00 37.18 ? 78  GLU A C   1 
ATOM   583 O O   . GLU A 1 78 ? 7.003   -2.245  12.533  1.00 37.02 ? 78  GLU A O   1 
ATOM   584 C CB  . GLU A 1 78 ? 3.950   -1.905  13.600  1.00 27.77 ? 78  GLU A CB  1 
ATOM   585 C CG  . GLU A 1 78 ? 4.537   -3.150  14.207  1.00 41.98 ? 78  GLU A CG  1 
ATOM   586 C CD  . GLU A 1 78 ? 5.400   -2.859  15.422  1.00 46.69 ? 78  GLU A CD  1 
ATOM   587 O OE1 . GLU A 1 78 ? 6.373   -3.608  15.634  1.00 54.80 ? 78  GLU A OE1 1 
ATOM   588 O OE2 . GLU A 1 78 ? 5.088   -1.908  16.176  1.00 44.05 ? 78  GLU A OE2 1 
ATOM   589 N N   . ARG A 1 79 ? 5.628   -1.895  10.779  1.00 34.45 ? 79  ARG A N   1 
ATOM   590 C CA  . ARG A 1 79 ? 6.526   -2.562  9.843   1.00 34.51 ? 79  ARG A CA  1 
ATOM   591 C C   . ARG A 1 79 ? 7.832   -1.785  9.690   1.00 37.76 ? 79  ARG A C   1 
ATOM   592 O O   . ARG A 1 79 ? 8.919   -2.374  9.742   1.00 32.74 ? 79  ARG A O   1 
ATOM   593 C CB  . ARG A 1 79 ? 5.832   -2.744  8.490   1.00 35.38 ? 79  ARG A CB  1 
ATOM   594 C CG  . ARG A 1 79 ? 6.760   -3.215  7.359   1.00 40.58 ? 79  ARG A CG  1 
ATOM   595 C CD  . ARG A 1 79 ? 7.216   -4.671  7.526   1.00 38.91 ? 79  ARG A CD  1 
ATOM   596 N NE  . ARG A 1 79 ? 8.052   -5.082  6.409   1.00 36.06 ? 79  ARG A NE  1 
ATOM   597 C CZ  . ARG A 1 79 ? 7.636   -5.798  5.370   1.00 40.00 ? 79  ARG A CZ  1 
ATOM   598 N NH1 . ARG A 1 79 ? 6.377   -6.207  5.306   1.00 35.71 ? 79  ARG A NH1 1 
ATOM   599 N NH2 . ARG A 1 79 ? 8.483   -6.096  4.391   1.00 33.46 ? 79  ARG A NH2 1 
ATOM   600 N N   . LEU A 1 80 ? 7.747   -0.454  9.530   1.00 34.78 ? 80  LEU A N   1 
ATOM   601 C CA  . LEU A 1 80 ? 8.960   0.358   9.406   1.00 36.67 ? 80  LEU A CA  1 
ATOM   602 C C   . LEU A 1 80 ? 9.826   0.235   10.652  1.00 34.22 ? 80  LEU A C   1 
ATOM   603 O O   . LEU A 1 80 ? 11.047  0.096   10.555  1.00 40.22 ? 80  LEU A O   1 
ATOM   604 C CB  . LEU A 1 80 ? 8.605   1.823   9.135   1.00 31.69 ? 80  LEU A CB  1 
ATOM   605 C CG  . LEU A 1 80 ? 8.120   2.128   7.717   1.00 34.75 ? 80  LEU A CG  1 
ATOM   606 C CD1 . LEU A 1 80 ? 7.514   3.500   7.681   1.00 35.56 ? 80  LEU A CD1 1 
ATOM   607 C CD2 . LEU A 1 80 ? 9.250   2.029   6.693   1.00 34.18 ? 80  LEU A CD2 1 
ATOM   608 N N   . ARG A 1 81 ? 9.200   0.259   11.833  1.00 38.51 ? 81  ARG A N   1 
ATOM   609 C CA  . ARG A 1 81 ? 9.926   0.042   13.083  1.00 43.07 ? 81  ARG A CA  1 
ATOM   610 C C   . ARG A 1 81 ? 10.751  -1.247  13.050  1.00 43.78 ? 81  ARG A C   1 
ATOM   611 O O   . ARG A 1 81 ? 11.902  -1.259  13.504  1.00 45.21 ? 81  ARG A O   1 
ATOM   612 C CB  . ARG A 1 81 ? 8.947   0.015   14.255  1.00 35.15 ? 81  ARG A CB  1 
ATOM   613 C CG  . ARG A 1 81 ? 8.935   1.259   15.085  1.00 51.42 ? 81  ARG A CG  1 
ATOM   614 C CD  . ARG A 1 81 ? 7.553   1.532   15.713  1.00 55.16 ? 81  ARG A CD  1 
ATOM   615 N NE  . ARG A 1 81 ? 7.336   2.969   15.912  1.00 74.40 ? 81  ARG A NE  1 
ATOM   616 C CZ  . ARG A 1 81 ? 6.371   3.500   16.659  1.00 67.31 ? 81  ARG A CZ  1 
ATOM   617 N NH1 . ARG A 1 81 ? 5.512   2.715   17.298  1.00 68.91 ? 81  ARG A NH1 1 
ATOM   618 N NH2 . ARG A 1 81 ? 6.275   4.819   16.773  1.00 65.93 ? 81  ARG A NH2 1 
ATOM   619 N N   . ARG A 1 82 ? 10.196  -2.340  12.496  1.00 38.83 ? 82  ARG A N   1 
ATOM   620 C CA  . ARG A 1 82 ? 10.938  -3.607  12.477  1.00 40.40 ? 82  ARG A CA  1 
ATOM   621 C C   . ARG A 1 82 ? 12.126  -3.578  11.524  1.00 37.43 ? 82  ARG A C   1 
ATOM   622 O O   . ARG A 1 82 ? 13.171  -4.150  11.847  1.00 41.00 ? 82  ARG A O   1 
ATOM   623 C CB  . ARG A 1 82 ? 10.026  -4.785  12.121  1.00 31.52 ? 82  ARG A CB  1 
ATOM   624 C CG  . ARG A 1 82 ? 8.698   -4.728  12.824  1.00 43.75 ? 82  ARG A CG  1 
ATOM   625 C CD  . ARG A 1 82 ? 8.804   -5.152  14.277  1.00 49.53 ? 82  ARG A CD  1 
ATOM   626 N NE  . ARG A 1 82 ? 7.664   -5.963  14.709  1.00 53.02 ? 82  ARG A NE  1 
ATOM   627 C CZ  . ARG A 1 82 ? 7.746   -6.968  15.576  1.00 55.57 ? 82  ARG A CZ  1 
ATOM   628 N NH1 . ARG A 1 82 ? 8.922   -7.319  16.082  1.00 55.47 ? 82  ARG A NH1 1 
ATOM   629 N NH2 . ARG A 1 82 ? 6.654   -7.637  15.925  1.00 62.64 ? 82  ARG A NH2 1 
ATOM   630 N N   . GLU A 1 83 ? 11.989  -2.937  10.357  1.00 40.50 ? 83  GLU A N   1 
ATOM   631 C CA  . GLU A 1 83 ? 13.124  -2.802  9.441   1.00 44.39 ? 83  GLU A CA  1 
ATOM   632 C C   . GLU A 1 83 ? 14.244  -1.978  10.058  1.00 49.00 ? 83  GLU A C   1 
ATOM   633 O O   . GLU A 1 83 ? 15.424  -2.344  9.977   1.00 51.31 ? 83  GLU A O   1 
ATOM   634 C CB  . GLU A 1 83 ? 12.686  -2.138  8.143   1.00 36.89 ? 83  GLU A CB  1 
ATOM   635 C CG  . GLU A 1 83 ? 11.495  -2.731  7.546   1.00 34.24 ? 83  GLU A CG  1 
ATOM   636 C CD  . GLU A 1 83 ? 11.774  -4.098  7.024   1.00 46.12 ? 83  GLU A CD  1 
ATOM   637 O OE1 . GLU A 1 83 ? 12.970  -4.476  6.881   1.00 41.07 ? 83  GLU A OE1 1 
ATOM   638 O OE2 . GLU A 1 83 ? 10.784  -4.797  6.748   1.00 47.89 ? 83  GLU A OE2 1 
ATOM   639 N N   . ALA A 1 84 ? 13.889  -0.815  10.611  1.00 45.64 ? 84  ALA A N   1 
ATOM   640 C CA  . ALA A 1 84 ? 14.867  0.031   11.273  1.00 48.39 ? 84  ALA A CA  1 
ATOM   641 C C   . ALA A 1 84 ? 15.568  -0.723  12.391  1.00 49.94 ? 84  ALA A C   1 
ATOM   642 O O   . ALA A 1 84 ? 16.762  -0.511  12.635  1.00 52.33 ? 84  ALA A O   1 
ATOM   643 C CB  . ALA A 1 84 ? 14.173  1.280   11.815  1.00 37.38 ? 84  ALA A CB  1 
ATOM   644 N N   . ALA A 1 85 ? 14.840  -1.621  13.060  1.00 47.71 ? 85  ALA A N   1 
ATOM   645 C CA  . ALA A 1 85 ? 15.425  -2.420  14.127  1.00 47.19 ? 85  ALA A CA  1 
ATOM   646 C C   . ALA A 1 85 ? 16.484  -3.380  13.587  1.00 49.70 ? 85  ALA A C   1 
ATOM   647 O O   . ALA A 1 85 ? 17.536  -3.557  14.210  1.00 53.43 ? 85  ALA A O   1 
ATOM   648 C CB  . ALA A 1 85 ? 14.318  -3.158  14.878  1.00 39.54 ? 85  ALA A CB  1 
ATOM   649 N N   . LEU A 1 86 ? 16.245  -3.984  12.415  1.00 51.62 ? 86  LEU A N   1 
ATOM   650 C CA  . LEU A 1 86 ? 17.276  -4.818  11.787  1.00 55.85 ? 86  LEU A CA  1 
ATOM   651 C C   . LEU A 1 86 ? 18.427  -3.984  11.241  1.00 59.25 ? 86  LEU A C   1 
ATOM   652 O O   . LEU A 1 86 ? 19.565  -4.461  11.190  1.00 67.55 ? 86  LEU A O   1 
ATOM   653 C CB  . LEU A 1 86 ? 16.690  -5.662  10.651  1.00 52.03 ? 86  LEU A CB  1 
ATOM   654 C CG  . LEU A 1 86 ? 15.608  -6.696  10.959  1.00 48.37 ? 86  LEU A CG  1 
ATOM   655 C CD1 . LEU A 1 86 ? 15.697  -7.868  9.979   1.00 47.95 ? 86  LEU A CD1 1 
ATOM   656 C CD2 . LEU A 1 86 ? 15.695  -7.193  12.401  1.00 52.31 ? 86  LEU A CD2 1 
ATOM   657 N N   . GLU A 1 87 ? 18.159  -2.750  10.825  1.00 58.52 ? 87  GLU A N   1 
ATOM   658 C CA  . GLU A 1 87 ? 19.215  -1.883  10.323  1.00 62.14 ? 87  GLU A CA  1 
ATOM   659 C C   . GLU A 1 87 ? 20.046  -1.253  11.432  1.00 65.13 ? 87  GLU A C   1 
ATOM   660 O O   . GLU A 1 87 ? 20.921  -0.428  11.131  1.00 66.17 ? 87  GLU A O   1 
ATOM   661 C CB  . GLU A 1 87 ? 18.621  -0.782  9.446   1.00 62.51 ? 87  GLU A CB  1 
ATOM   662 C CG  . GLU A 1 87 ? 18.042  -1.292  8.142   1.00 60.71 ? 87  GLU A CG  1 
ATOM   663 C CD  . GLU A 1 87 ? 17.265  -0.224  7.397   1.00 67.38 ? 87  GLU A CD  1 
ATOM   664 O OE1 . GLU A 1 87 ? 17.628  0.968   7.518   1.00 68.59 ? 87  GLU A OE1 1 
ATOM   665 O OE2 . GLU A 1 87 ? 16.291  -0.582  6.699   1.00 66.35 ? 87  GLU A OE2 1 
ATOM   666 N N   . HIS A 1 88 ? 19.793  -1.617  12.689  1.00 63.77 ? 88  HIS A N   1 
ATOM   667 C CA  . HIS A 1 88 ? 20.519  -1.073  13.835  1.00 67.60 ? 88  HIS A CA  1 
ATOM   668 C C   . HIS A 1 88 ? 20.585  -2.094  14.967  1.00 64.04 ? 88  HIS A C   1 
ATOM   669 O O   . HIS A 1 88 ? 20.765  -3.288  14.730  1.00 68.14 ? 88  HIS A O   1 
ATOM   670 C CB  . HIS A 1 88 ? 19.863  0.218   14.337  1.00 69.00 ? 88  HIS A CB  1 
ATOM   671 C CG  . HIS A 1 88 ? 20.574  0.839   15.500  1.00 77.48 ? 88  HIS A CG  1 
ATOM   672 N ND1 . HIS A 1 88 ? 19.997  1.800   16.304  1.00 79.32 ? 88  HIS A ND1 1 
ATOM   673 C CD2 . HIS A 1 88 ? 21.822  0.638   15.991  1.00 77.32 ? 88  HIS A CD2 1 
ATOM   674 C CE1 . HIS A 1 88 ? 20.854  2.160   17.243  1.00 78.95 ? 88  HIS A CE1 1 
ATOM   675 N NE2 . HIS A 1 88 ? 21.970  1.470   17.076  1.00 81.90 ? 88  HIS A NE2 1 
HETATM 676 O O   . HOH B 2 .  ? 6.332   3.219   -16.468 1.00 49.21 ? 101 HOH A O   1 
HETATM 677 O O   . HOH B 2 .  ? -6.139  9.201   3.410   1.00 43.78 ? 102 HOH A O   1 
HETATM 678 O O   . HOH B 2 .  ? 9.024   4.570   0.649   1.00 24.19 ? 103 HOH A O   1 
HETATM 679 O O   . HOH B 2 .  ? 7.636   4.654   2.742   1.00 22.23 ? 104 HOH A O   1 
HETATM 680 O O   . HOH B 2 .  ? 7.428   -4.591  -1.115  1.00 37.75 ? 105 HOH A O   1 
HETATM 681 O O   . HOH B 2 .  ? -6.457  0.092   13.645  0.50 28.82 ? 106 HOH A O   1 
HETATM 682 O O   . HOH B 2 .  ? -11.304 -13.907 -2.547  1.00 44.92 ? 107 HOH A O   1 
HETATM 683 O O   . HOH B 2 .  ? -9.434  8.244   -5.068  1.00 39.31 ? 108 HOH A O   1 
HETATM 684 O O   . HOH B 2 .  ? 7.602   2.314   1.489   1.00 30.06 ? 109 HOH A O   1 
HETATM 685 O O   . HOH B 2 .  ? 9.024   7.216   0.868   1.00 37.55 ? 110 HOH A O   1 
HETATM 686 O O   . HOH B 2 .  ? 9.860   6.208   2.669   1.00 29.64 ? 111 HOH A O   1 
# 
